data_3ZTN
#
_entry.id   3ZTN
#
_cell.length_a   206.100
_cell.length_b   206.100
_cell.length_c   206.100
_cell.angle_alpha   90.00
_cell.angle_beta   90.00
_cell.angle_gamma   90.00
#
_symmetry.space_group_name_H-M   'P 41 3 2'
#
loop_
_entity.id
_entity.type
_entity.pdbx_description
1 polymer HAEMAGGLUTININ
2 polymer HAEMAGGLUTININ
3 polymer 'FI6V3 ANTIBODY LIGHT CHAIN'
4 polymer 'FI6V3 ANTIBODY LIGHT CHAIN'
5 branched 2-acetamido-2-deoxy-beta-D-glucopyranose-(1-4)-2-acetamido-2-deoxy-beta-D-glucopyranose
6 branched beta-D-mannopyranose-(1-4)-2-acetamido-2-deoxy-beta-D-glucopyranose-(1-4)-2-acetamido-2-deoxy-beta-D-glucopyranose
7 non-polymer 2-acetamido-2-deoxy-beta-D-glucopyranose
8 non-polymer 'SULFATE ION'
9 non-polymer GLYCEROL
#
loop_
_entity_poly.entity_id
_entity_poly.type
_entity_poly.pdbx_seq_one_letter_code
_entity_poly.pdbx_strand_id
1 'polypeptide(L)'
;DTLCIGYHANNSTDTVDTVLEKNVTVTHSVNLLEDKHNGKLCKLRGVAPLHLGKCNIAGWILGNPECESLSTASSWSYIV
ETPSSDNGTCYPGDFIDYEELREQLSSVSSFERFEIFPKTSSWPNHDSNKGVTAACPHAGAKSFYKNLIWLVKKGNSYPK
LSKSYINDKGKEVLVLWGIHHPSTSADQQSLYQNADTYVFVGSSRYSKKFKPEIAIRPKVRDQEGRMNYYWTLVEPGDKI
TFEATGNLVVPRYAFAMERNAGSGIIISDTPVHDCNTTCQTPKGAINTSLPFQNIHPITIGKCPKYVKSTKLRLATGLRN
IPSIQSR
;
A
2 'polypeptide(L)'
;GLFGAIAGFIEGGWTGMVDGWYGYHHQNEQGSGYAADLKSTQNAIDEITNKVNSVIEKMNTQFTAVGKEFNHLEKRIENL
NKKVDDGFLDIWTYNAELLVLLENERTLDYHDSNVKNLYEKVRSQLKNNAKEIGNGCFEFYHKCDNTCMESVKNGTYDYP
KYSEEAKLNREEIDGV
;
B
3 'polypeptide(L)'
;QVQLVESGGGVVQPGRSLRLSCAASGFTFSTYAMHWVRQAPGKGLEWVAVISYDANYKYYADSVKGRFTISRDNSKNTLY
LQMNSLRAEDTAVYYCAKDSQLRSLLYFEWLSQGYFDYWGQGTLVTVSSASTKGPSVFPLAPSSGGTAALGCLVKDYFPE
PVTVSWNSGALTSGVHTFPAVLQSSGLYSLSSVVTVPSSSLGTQTYICNVNHKPSNTKVDKRVEPK
;
H
4 'polypeptide(L)'
;DIVMTQSPDSLAVSLGERATINCKSSQSVTFNYKNYLAWYQQKPGQPPKLLIYWASTRESGVPDRFSGSGSGTDFTLTIS
SLQAEDVAVYYCQQHYRTPPTFGQGTKVEIKRTVAAPSVFIFPPSDEQLKSGTASVVCLLNNFYPREAKVQWKVDNALQS
GNSQESVTEQDSKDSTYSLSSTLTLSKADYEKHKVYACEVTHQGLSSPVTKSFNRGEC
;
L
#
# COMPACT_ATOMS: atom_id res chain seq x y z
N ASP A 1 -42.24 2.75 33.60
CA ASP A 1 -40.79 2.50 33.54
C ASP A 1 -40.36 1.36 32.59
N THR A 2 -39.65 1.73 31.52
CA THR A 2 -39.30 0.79 30.46
C THR A 2 -37.79 0.64 30.19
N LEU A 3 -37.43 -0.53 29.64
CA LEU A 3 -36.12 -0.76 29.05
C LEU A 3 -36.33 -1.50 27.74
N CYS A 4 -35.74 -0.99 26.66
CA CYS A 4 -35.80 -1.66 25.37
C CYS A 4 -34.41 -2.07 24.91
N ILE A 5 -34.32 -3.24 24.27
CA ILE A 5 -33.13 -3.62 23.52
C ILE A 5 -33.43 -3.35 22.04
N GLY A 6 -32.50 -2.70 21.35
CA GLY A 6 -32.69 -2.31 19.95
C GLY A 6 -31.39 -2.30 19.16
N TYR A 7 -31.37 -1.66 17.99
CA TYR A 7 -30.15 -1.60 17.18
C TYR A 7 -29.98 -0.31 16.35
N HIS A 8 -28.93 -0.27 15.55
CA HIS A 8 -28.52 0.97 14.90
C HIS A 8 -29.27 1.22 13.59
N ALA A 9 -29.61 2.48 13.36
CA ALA A 9 -29.98 2.92 12.03
C ALA A 9 -29.18 4.17 11.67
N ASN A 10 -29.00 4.41 10.38
CA ASN A 10 -28.31 5.61 9.94
C ASN A 10 -28.88 6.12 8.62
N ASN A 11 -28.27 7.16 8.05
CA ASN A 11 -28.80 7.72 6.81
C ASN A 11 -28.29 6.99 5.58
N SER A 12 -27.49 5.96 5.79
CA SER A 12 -26.90 5.22 4.69
C SER A 12 -27.95 4.57 3.80
N THR A 13 -27.69 4.56 2.51
CA THR A 13 -28.60 3.92 1.56
C THR A 13 -27.84 2.96 0.66
N ASP A 14 -26.79 2.36 1.22
CA ASP A 14 -26.07 1.29 0.54
C ASP A 14 -26.85 -0.02 0.60
N THR A 15 -27.15 -0.57 -0.57
CA THR A 15 -27.81 -1.86 -0.64
C THR A 15 -26.84 -2.99 -0.93
N VAL A 16 -27.37 -4.19 -1.04
CA VAL A 16 -26.56 -5.37 -0.90
C VAL A 16 -27.54 -6.52 -1.12
N ASP A 17 -27.05 -7.63 -1.66
CA ASP A 17 -27.97 -8.69 -2.02
C ASP A 17 -27.73 -9.93 -1.23
N THR A 18 -28.82 -10.44 -0.67
CA THR A 18 -28.81 -11.62 0.17
C THR A 18 -29.25 -12.71 -0.75
N VAL A 19 -29.08 -13.96 -0.34
CA VAL A 19 -29.52 -15.03 -1.20
C VAL A 19 -31.06 -15.10 -1.15
N LEU A 20 -31.64 -14.50 -0.11
CA LEU A 20 -33.07 -14.49 0.09
C LEU A 20 -33.76 -13.22 -0.36
N GLU A 21 -33.05 -12.10 -0.41
CA GLU A 21 -33.67 -10.83 -0.77
C GLU A 21 -32.72 -9.95 -1.56
N LYS A 22 -33.17 -9.44 -2.69
CA LYS A 22 -32.38 -8.49 -3.46
C LYS A 22 -32.61 -7.07 -2.90
N ASN A 23 -31.64 -6.18 -3.14
CA ASN A 23 -31.67 -4.80 -2.63
C ASN A 23 -32.06 -4.59 -1.16
N VAL A 24 -31.29 -5.19 -0.26
CA VAL A 24 -31.48 -5.00 1.17
C VAL A 24 -30.61 -3.82 1.57
N THR A 25 -31.18 -2.77 2.15
CA THR A 25 -30.36 -1.60 2.58
C THR A 25 -29.60 -1.78 3.91
N VAL A 26 -28.30 -1.48 3.91
CA VAL A 26 -27.51 -1.71 5.13
C VAL A 26 -26.85 -0.46 5.70
N THR A 27 -26.51 -0.51 6.98
CA THR A 27 -25.87 0.61 7.62
C THR A 27 -24.42 0.67 7.20
N HIS A 28 -23.87 -0.49 6.82
CA HIS A 28 -22.44 -0.60 6.48
C HIS A 28 -22.10 -1.65 5.42
N SER A 29 -20.97 -1.49 4.76
CA SER A 29 -20.59 -2.43 3.71
C SER A 29 -19.20 -2.17 3.17
N VAL A 30 -18.85 -2.92 2.13
CA VAL A 30 -17.54 -2.88 1.51
C VAL A 30 -17.64 -3.45 0.13
N ASN A 31 -17.37 -2.65 -0.90
CA ASN A 31 -17.26 -3.22 -2.24
C ASN A 31 -16.06 -4.15 -2.32
N LEU A 32 -16.22 -5.24 -3.05
CA LEU A 32 -15.17 -6.24 -3.17
C LEU A 32 -14.65 -6.19 -4.57
N LEU A 33 -15.25 -5.33 -5.41
CA LEU A 33 -15.04 -5.37 -6.84
C LEU A 33 -14.40 -4.10 -7.36
N GLU A 34 -13.17 -4.21 -7.85
CA GLU A 34 -12.52 -3.09 -8.49
C GLU A 34 -13.27 -2.79 -9.75
N ASP A 35 -13.99 -1.67 -9.77
CA ASP A 35 -14.77 -1.31 -10.96
C ASP A 35 -14.14 -0.19 -11.77
N LYS A 36 -13.04 0.38 -11.25
CA LYS A 36 -12.44 1.60 -11.81
C LYS A 36 -10.92 1.56 -12.04
N HIS A 37 -10.50 2.08 -13.18
CA HIS A 37 -9.11 2.02 -13.59
C HIS A 37 -8.58 3.43 -13.86
N ASN A 38 -7.26 3.57 -13.96
CA ASN A 38 -6.64 4.89 -14.02
C ASN A 38 -6.23 5.40 -15.41
N GLY A 39 -6.62 4.70 -16.46
CA GLY A 39 -6.37 5.14 -17.82
C GLY A 39 -4.93 5.41 -18.25
N LYS A 40 -3.94 5.02 -17.46
CA LYS A 40 -2.55 5.15 -17.92
C LYS A 40 -1.88 3.77 -18.01
N LEU A 41 -0.86 3.65 -18.83
CA LEU A 41 -0.04 2.44 -18.82
C LEU A 41 1.14 2.64 -17.85
N CYS A 42 1.01 2.09 -16.67
CA CYS A 42 1.97 2.40 -15.62
C CYS A 42 3.22 1.52 -15.62
N LYS A 43 4.24 1.93 -14.89
CA LYS A 43 5.42 1.13 -14.68
C LYS A 43 4.93 -0.15 -14.04
N LEU A 44 5.20 -1.29 -14.64
CA LEU A 44 4.71 -2.53 -14.09
C LEU A 44 5.39 -2.76 -12.77
N ARG A 45 6.50 -3.50 -12.76
CA ARG A 45 7.33 -3.49 -11.57
C ARG A 45 7.86 -2.06 -11.42
N GLY A 46 9.03 -1.92 -10.83
CA GLY A 46 9.64 -0.61 -10.80
C GLY A 46 9.98 -0.19 -12.21
N VAL A 47 9.88 -1.14 -13.13
CA VAL A 47 10.38 -0.99 -14.49
C VAL A 47 9.29 -0.64 -15.46
N ALA A 48 9.57 0.33 -16.33
CA ALA A 48 8.59 0.77 -17.33
C ALA A 48 8.40 -0.23 -18.46
N PRO A 49 7.32 -0.06 -19.24
CA PRO A 49 7.18 -0.91 -20.40
C PRO A 49 8.10 -0.35 -21.48
N LEU A 50 8.12 -0.99 -22.64
CA LEU A 50 8.90 -0.51 -23.76
C LEU A 50 7.92 -0.13 -24.83
N HIS A 51 7.80 1.17 -25.09
CA HIS A 51 6.84 1.72 -26.04
C HIS A 51 7.49 1.79 -27.43
N LEU A 52 6.71 1.58 -28.49
CA LEU A 52 7.27 1.54 -29.85
C LEU A 52 6.60 2.52 -30.81
N GLY A 53 5.43 3.02 -30.45
CA GLY A 53 4.77 4.01 -31.26
C GLY A 53 4.47 3.53 -32.67
N LYS A 54 5.10 4.17 -33.65
CA LYS A 54 4.75 3.92 -35.04
C LYS A 54 5.14 2.53 -35.57
N CYS A 55 6.24 1.96 -35.10
CA CYS A 55 6.61 0.64 -35.58
C CYS A 55 6.16 -0.48 -34.64
N ASN A 56 5.79 -1.62 -35.22
CA ASN A 56 5.45 -2.80 -34.43
C ASN A 56 6.75 -3.47 -34.04
N ILE A 57 6.70 -4.64 -33.41
CA ILE A 57 7.93 -5.27 -32.91
C ILE A 57 8.86 -5.64 -34.05
N ALA A 58 8.30 -6.17 -35.13
CA ALA A 58 9.10 -6.56 -36.28
C ALA A 58 9.94 -5.40 -36.83
N GLY A 59 9.33 -4.25 -37.01
CA GLY A 59 10.07 -3.08 -37.48
C GLY A 59 11.15 -2.70 -36.51
N TRP A 60 10.78 -2.55 -35.25
CA TRP A 60 11.75 -2.17 -34.24
C TRP A 60 12.93 -3.10 -34.26
N ILE A 61 12.70 -4.40 -34.27
CA ILE A 61 13.82 -5.34 -34.09
C ILE A 61 14.71 -5.52 -35.32
N LEU A 62 14.12 -5.54 -36.51
CA LEU A 62 14.89 -5.52 -37.75
C LEU A 62 15.62 -4.18 -37.97
N GLY A 63 14.95 -3.08 -37.65
CA GLY A 63 15.56 -1.77 -37.82
C GLY A 63 14.91 -0.99 -38.94
N ASN A 64 13.59 -0.98 -38.96
CA ASN A 64 12.86 -0.30 -40.00
C ASN A 64 13.21 1.18 -39.93
N PRO A 65 13.65 1.76 -41.05
CA PRO A 65 14.04 3.17 -41.14
C PRO A 65 13.18 4.10 -40.29
N GLU A 66 11.89 3.81 -40.14
CA GLU A 66 10.99 4.71 -39.41
C GLU A 66 11.08 4.53 -37.90
N CYS A 67 11.34 3.31 -37.45
CA CYS A 67 11.49 3.00 -36.02
C CYS A 67 12.82 3.45 -35.42
N GLU A 68 13.56 4.31 -36.13
CA GLU A 68 14.91 4.72 -35.74
C GLU A 68 14.99 5.31 -34.33
N SER A 69 14.50 6.53 -34.18
CA SER A 69 14.49 7.19 -32.88
C SER A 69 13.61 6.41 -31.92
N LEU A 70 14.18 5.37 -31.31
CA LEU A 70 13.46 4.62 -30.30
C LEU A 70 14.43 4.37 -29.15
N SER A 71 14.26 5.12 -28.06
CA SER A 71 15.14 5.02 -26.90
C SER A 71 14.98 3.67 -26.22
N THR A 72 15.73 2.71 -26.71
CA THR A 72 15.64 1.35 -26.19
C THR A 72 16.32 1.30 -24.82
N ALA A 73 15.53 0.96 -23.80
CA ALA A 73 16.04 0.85 -22.45
C ALA A 73 16.83 -0.42 -22.27
N SER A 74 17.68 -0.42 -21.25
CA SER A 74 18.49 -1.58 -20.95
C SER A 74 17.60 -2.73 -20.48
N SER A 75 16.30 -2.45 -20.38
CA SER A 75 15.33 -3.44 -19.92
C SER A 75 13.89 -2.92 -19.91
N TRP A 76 12.94 -3.81 -19.70
CA TRP A 76 11.53 -3.41 -19.65
C TRP A 76 10.71 -4.56 -19.15
N SER A 77 9.46 -4.32 -18.84
CA SER A 77 8.67 -5.34 -18.21
C SER A 77 7.46 -5.76 -19.05
N TYR A 78 7.22 -5.06 -20.14
CA TYR A 78 6.17 -5.45 -21.08
C TYR A 78 6.24 -4.52 -22.25
N ILE A 79 5.68 -4.93 -23.38
CA ILE A 79 5.83 -4.12 -24.59
C ILE A 79 4.51 -3.55 -25.01
N VAL A 80 4.52 -2.28 -25.34
CA VAL A 80 3.31 -1.60 -25.77
C VAL A 80 3.44 -1.27 -27.23
N GLU A 81 2.53 -1.77 -28.05
CA GLU A 81 2.48 -1.32 -29.43
C GLU A 81 1.07 -0.77 -29.71
N THR A 82 0.95 0.10 -30.70
CA THR A 82 -0.31 0.78 -30.98
C THR A 82 -1.17 -0.06 -31.91
N PRO A 83 -2.47 0.26 -32.02
CA PRO A 83 -3.22 -0.35 -33.12
C PRO A 83 -2.75 0.23 -34.46
N SER A 84 -2.01 1.33 -34.37
CA SER A 84 -1.46 2.01 -35.53
C SER A 84 -0.10 1.44 -35.94
N SER A 85 0.61 0.84 -34.99
CA SER A 85 1.91 0.21 -35.24
C SER A 85 1.85 -0.75 -36.44
N ASP A 86 1.92 -0.19 -37.65
CA ASP A 86 1.85 -0.97 -38.88
C ASP A 86 3.24 -1.04 -39.52
N ASN A 87 4.15 -0.24 -39.00
CA ASN A 87 5.49 -0.11 -39.55
C ASN A 87 6.39 -1.29 -39.25
N GLY A 88 6.22 -2.39 -39.97
CA GLY A 88 6.93 -3.61 -39.69
C GLY A 88 7.94 -3.94 -40.76
N THR A 89 7.92 -5.16 -41.26
CA THR A 89 8.84 -5.53 -42.32
C THR A 89 8.45 -4.82 -43.61
N CYS A 90 9.19 -3.75 -43.93
CA CYS A 90 8.88 -2.91 -45.09
C CYS A 90 8.91 -3.68 -46.43
N TYR A 91 9.92 -4.53 -46.62
CA TYR A 91 10.05 -5.33 -47.83
C TYR A 91 9.35 -6.65 -47.58
N PRO A 92 8.46 -7.04 -48.51
CA PRO A 92 7.50 -8.12 -48.23
C PRO A 92 8.14 -9.49 -48.06
N GLY A 93 7.48 -10.35 -47.29
CA GLY A 93 7.96 -11.70 -47.03
C GLY A 93 7.50 -12.16 -45.67
N ASP A 94 7.80 -13.40 -45.31
CA ASP A 94 7.38 -13.97 -44.03
C ASP A 94 8.44 -13.92 -42.92
N PHE A 95 8.08 -13.31 -41.81
CA PHE A 95 8.90 -13.36 -40.60
C PHE A 95 8.61 -14.68 -39.87
N ILE A 96 9.65 -15.46 -39.63
CA ILE A 96 9.48 -16.84 -39.18
C ILE A 96 9.42 -17.00 -37.67
N ASP A 97 8.43 -17.72 -37.20
CA ASP A 97 8.19 -17.86 -35.77
C ASP A 97 8.09 -16.51 -35.12
N TYR A 98 7.34 -15.62 -35.74
CA TYR A 98 7.37 -14.24 -35.35
C TYR A 98 6.77 -14.06 -33.96
N GLU A 99 5.80 -14.90 -33.62
CA GLU A 99 5.11 -14.78 -32.35
C GLU A 99 5.91 -15.41 -31.21
N GLU A 100 6.69 -16.44 -31.51
CA GLU A 100 7.57 -16.97 -30.49
C GLU A 100 8.56 -15.89 -30.09
N LEU A 101 9.02 -15.12 -31.06
CA LEU A 101 9.95 -14.04 -30.81
C LEU A 101 9.31 -12.97 -29.94
N ARG A 102 8.05 -12.63 -30.19
CA ARG A 102 7.41 -11.58 -29.41
C ARG A 102 7.23 -12.00 -27.96
N GLU A 103 6.76 -13.23 -27.74
CA GLU A 103 6.49 -13.70 -26.40
C GLU A 103 7.81 -14.14 -25.77
N GLN A 104 8.90 -13.58 -26.28
CA GLN A 104 10.24 -13.92 -25.81
C GLN A 104 11.09 -12.65 -25.65
N LEU A 105 10.75 -11.62 -26.42
CA LEU A 105 11.24 -10.27 -26.17
C LEU A 105 10.24 -9.54 -25.25
N SER A 106 9.15 -10.21 -24.88
CA SER A 106 8.04 -9.62 -24.12
C SER A 106 8.48 -8.90 -22.85
N SER A 107 9.44 -9.48 -22.13
CA SER A 107 10.06 -8.81 -21.01
C SER A 107 11.48 -9.30 -20.91
N VAL A 108 12.41 -8.36 -20.75
CA VAL A 108 13.84 -8.63 -20.55
C VAL A 108 14.39 -7.71 -19.49
N SER A 109 15.46 -8.14 -18.84
CA SER A 109 16.04 -7.40 -17.74
C SER A 109 17.36 -6.81 -18.20
N SER A 110 17.83 -7.28 -19.34
CA SER A 110 19.04 -6.75 -19.91
C SER A 110 18.97 -6.87 -21.42
N PHE A 111 19.50 -5.88 -22.11
CA PHE A 111 19.32 -5.81 -23.54
C PHE A 111 20.25 -4.80 -24.14
N GLU A 112 21.42 -5.27 -24.55
CA GLU A 112 22.39 -4.41 -25.20
C GLU A 112 22.50 -4.78 -26.67
N ARG A 113 22.26 -3.83 -27.58
CA ARG A 113 22.42 -4.15 -28.99
C ARG A 113 23.80 -3.78 -29.57
N PHE A 114 24.51 -4.77 -30.11
CA PHE A 114 25.85 -4.54 -30.64
C PHE A 114 26.02 -4.93 -32.10
N GLU A 115 27.13 -4.51 -32.68
CA GLU A 115 27.41 -4.75 -34.09
C GLU A 115 28.41 -5.89 -34.21
N ILE A 116 27.99 -7.05 -34.72
CA ILE A 116 28.95 -8.13 -34.92
C ILE A 116 29.65 -8.01 -36.26
N PHE A 117 28.88 -8.08 -37.34
CA PHE A 117 29.42 -7.98 -38.69
C PHE A 117 29.36 -6.55 -39.20
N PRO A 118 30.39 -5.76 -38.86
CA PRO A 118 30.51 -4.31 -39.10
C PRO A 118 30.55 -3.95 -40.59
N LYS A 119 29.73 -2.98 -41.01
CA LYS A 119 29.47 -2.69 -42.43
C LYS A 119 30.73 -2.40 -43.20
N THR A 120 31.82 -2.19 -42.47
CA THR A 120 33.09 -1.90 -43.10
C THR A 120 33.96 -3.16 -43.18
N SER A 121 34.74 -3.43 -42.14
CA SER A 121 35.72 -4.51 -42.15
C SER A 121 35.29 -5.89 -42.70
N SER A 122 34.16 -6.43 -42.24
CA SER A 122 33.84 -7.84 -42.47
C SER A 122 33.25 -8.23 -43.84
N TRP A 123 33.17 -7.28 -44.77
CA TRP A 123 32.57 -7.56 -46.09
C TRP A 123 33.45 -7.09 -47.22
N PRO A 124 34.57 -7.78 -47.41
CA PRO A 124 35.64 -7.32 -48.30
C PRO A 124 35.25 -7.56 -49.75
N ASN A 125 34.62 -8.70 -50.01
CA ASN A 125 34.42 -9.15 -51.39
C ASN A 125 32.98 -9.10 -51.88
N HIS A 126 32.15 -8.31 -51.23
CA HIS A 126 30.84 -8.04 -51.78
C HIS A 126 30.48 -6.55 -51.53
N ASP A 127 29.45 -6.07 -52.23
CA ASP A 127 28.97 -4.69 -52.08
C ASP A 127 28.14 -4.54 -50.81
N SER A 128 28.64 -3.68 -49.90
CA SER A 128 28.05 -3.49 -48.58
C SER A 128 27.00 -2.39 -48.57
N ASN A 129 26.86 -1.67 -49.67
CA ASN A 129 25.90 -0.59 -49.71
C ASN A 129 25.35 -0.29 -51.09
N LYS A 130 24.85 -1.32 -51.75
CA LYS A 130 24.00 -1.18 -52.92
C LYS A 130 22.72 -1.93 -52.60
N GLY A 131 22.63 -2.34 -51.34
CA GLY A 131 21.54 -3.17 -50.86
C GLY A 131 20.43 -2.32 -50.29
N VAL A 132 19.59 -1.86 -51.19
CA VAL A 132 18.66 -0.80 -50.88
C VAL A 132 17.46 -0.78 -51.83
N THR A 133 16.28 -0.71 -51.24
CA THR A 133 15.05 -0.78 -52.02
C THR A 133 14.12 0.37 -51.67
N ALA A 134 13.17 0.66 -52.55
CA ALA A 134 12.17 1.71 -52.29
C ALA A 134 11.08 1.24 -51.32
N ALA A 135 10.82 -0.06 -51.24
CA ALA A 135 9.83 -0.56 -50.29
C ALA A 135 10.13 0.02 -48.91
N CYS A 136 11.41 0.32 -48.66
CA CYS A 136 11.87 0.70 -47.32
C CYS A 136 12.50 2.11 -47.32
N PRO A 137 11.71 3.12 -47.72
CA PRO A 137 12.26 4.46 -47.98
C PRO A 137 12.50 5.25 -46.73
N HIS A 138 13.54 6.06 -46.77
CA HIS A 138 13.83 6.99 -45.71
C HIS A 138 14.43 8.21 -46.36
N ALA A 139 13.90 9.39 -46.02
CA ALA A 139 14.30 10.64 -46.67
C ALA A 139 13.75 10.68 -48.08
N GLY A 140 12.66 9.95 -48.31
CA GLY A 140 12.11 9.82 -49.64
C GLY A 140 13.17 9.34 -50.58
N ALA A 141 13.87 8.28 -50.17
CA ALA A 141 14.98 7.73 -50.95
C ALA A 141 15.31 6.31 -50.52
N LYS A 142 15.32 5.40 -51.49
CA LYS A 142 15.58 3.98 -51.26
C LYS A 142 16.59 3.77 -50.14
N SER A 143 16.17 3.06 -49.09
CA SER A 143 17.12 2.57 -48.08
C SER A 143 16.83 1.13 -47.68
N PHE A 144 17.00 0.82 -46.40
CA PHE A 144 16.90 -0.56 -45.92
C PHE A 144 16.91 -0.59 -44.38
N TYR A 145 17.04 -1.78 -43.80
CA TYR A 145 17.02 -1.92 -42.36
C TYR A 145 18.36 -1.49 -41.80
N LYS A 146 18.41 -1.16 -40.51
CA LYS A 146 19.67 -0.73 -39.93
C LYS A 146 20.44 -1.90 -39.37
N ASN A 147 19.78 -3.04 -39.21
CA ASN A 147 20.40 -4.15 -38.51
C ASN A 147 20.80 -5.27 -39.43
N LEU A 148 20.25 -5.22 -40.63
CA LEU A 148 20.59 -6.16 -41.68
C LEU A 148 21.37 -5.42 -42.74
N ILE A 149 21.78 -6.14 -43.77
CA ILE A 149 22.67 -5.58 -44.76
C ILE A 149 22.59 -6.39 -46.04
N TRP A 150 21.89 -5.87 -47.05
CA TRP A 150 21.56 -6.60 -48.27
C TRP A 150 22.74 -6.88 -49.20
N LEU A 151 23.63 -7.75 -48.78
CA LEU A 151 24.84 -8.04 -49.55
C LEU A 151 24.60 -8.44 -50.99
N VAL A 152 25.03 -7.60 -51.93
CA VAL A 152 24.99 -7.90 -53.38
C VAL A 152 26.37 -8.12 -54.00
N LYS A 153 26.43 -8.31 -55.31
CA LYS A 153 27.68 -8.71 -55.97
C LYS A 153 28.65 -7.56 -56.14
N LYS A 154 29.92 -7.85 -55.88
CA LYS A 154 30.98 -6.83 -55.86
C LYS A 154 31.05 -6.14 -57.20
N GLY A 155 31.53 -6.89 -58.20
CA GLY A 155 31.53 -6.40 -59.56
C GLY A 155 30.65 -7.29 -60.42
N ASN A 156 31.27 -8.25 -61.09
CA ASN A 156 30.50 -9.33 -61.69
C ASN A 156 30.82 -10.63 -60.99
N SER A 157 30.82 -10.56 -59.66
CA SER A 157 31.23 -11.68 -58.82
C SER A 157 30.53 -11.67 -57.47
N TYR A 158 30.37 -12.86 -56.91
CA TYR A 158 29.82 -13.05 -55.58
C TYR A 158 30.38 -14.37 -55.08
N PRO A 159 31.59 -14.32 -54.52
CA PRO A 159 32.25 -15.54 -54.05
C PRO A 159 31.50 -16.16 -52.88
N LYS A 160 31.86 -17.39 -52.49
CA LYS A 160 31.30 -17.98 -51.29
C LYS A 160 31.73 -17.12 -50.13
N LEU A 161 30.74 -16.59 -49.40
CA LEU A 161 31.03 -15.85 -48.18
C LEU A 161 30.87 -16.80 -46.99
N SER A 162 31.72 -16.62 -45.98
CA SER A 162 31.80 -17.59 -44.90
C SER A 162 32.19 -16.93 -43.59
N LYS A 163 31.28 -16.16 -43.02
CA LYS A 163 31.52 -15.43 -41.79
C LYS A 163 30.98 -16.16 -40.55
N SER A 164 31.79 -16.25 -39.50
CA SER A 164 31.38 -16.85 -38.25
C SER A 164 31.39 -15.84 -37.10
N TYR A 165 30.63 -16.13 -36.06
CA TYR A 165 30.68 -15.34 -34.83
C TYR A 165 30.60 -16.23 -33.60
N ILE A 166 31.52 -16.04 -32.66
CA ILE A 166 31.40 -16.66 -31.34
C ILE A 166 30.76 -15.71 -30.30
N ASN A 167 29.79 -16.22 -29.54
CA ASN A 167 29.15 -15.44 -28.48
C ASN A 167 29.95 -15.46 -27.19
N ASP A 168 30.70 -14.39 -26.95
CA ASP A 168 31.53 -14.26 -25.76
C ASP A 168 30.82 -13.43 -24.70
N LYS A 169 29.91 -12.57 -25.15
CA LYS A 169 29.11 -11.74 -24.25
C LYS A 169 28.52 -12.64 -23.18
N GLY A 170 28.34 -12.10 -21.99
CA GLY A 170 27.91 -12.93 -20.88
C GLY A 170 26.59 -13.63 -21.11
N LYS A 171 25.61 -12.90 -21.62
CA LYS A 171 24.26 -13.41 -21.85
C LYS A 171 24.13 -14.13 -23.20
N GLU A 172 22.89 -14.26 -23.65
CA GLU A 172 22.64 -14.87 -24.93
C GLU A 172 22.35 -13.78 -25.96
N VAL A 173 22.73 -14.07 -27.20
CA VAL A 173 22.69 -13.08 -28.26
C VAL A 173 21.66 -13.47 -29.32
N LEU A 174 20.78 -12.53 -29.64
CA LEU A 174 19.69 -12.79 -30.56
C LEU A 174 20.07 -12.31 -31.96
N VAL A 175 20.21 -13.24 -32.90
CA VAL A 175 20.67 -12.89 -34.25
C VAL A 175 19.57 -13.03 -35.33
N LEU A 176 19.40 -11.98 -36.13
CA LEU A 176 18.39 -12.02 -37.18
C LEU A 176 19.04 -11.91 -38.52
N TRP A 177 18.44 -12.54 -39.52
CA TRP A 177 18.92 -12.43 -40.89
C TRP A 177 17.79 -12.71 -41.81
N GLY A 178 18.04 -12.53 -43.09
CA GLY A 178 17.02 -12.69 -44.09
C GLY A 178 17.46 -13.55 -45.26
N ILE A 179 16.50 -14.04 -46.00
CA ILE A 179 16.78 -14.81 -47.20
C ILE A 179 15.98 -14.16 -48.29
N HIS A 180 16.65 -13.74 -49.36
CA HIS A 180 15.97 -12.96 -50.40
C HIS A 180 15.56 -13.76 -51.60
N HIS A 181 14.25 -13.78 -51.88
CA HIS A 181 13.76 -14.47 -53.07
C HIS A 181 13.36 -13.51 -54.16
N PRO A 182 14.12 -13.50 -55.26
CA PRO A 182 13.96 -12.51 -56.32
C PRO A 182 12.81 -12.86 -57.24
N SER A 183 12.21 -11.83 -57.81
CA SER A 183 11.12 -12.00 -58.75
C SER A 183 11.49 -12.90 -59.90
N THR A 184 12.63 -12.66 -60.52
CA THR A 184 13.00 -13.38 -61.74
C THR A 184 14.48 -13.74 -61.86
N SER A 185 14.77 -14.63 -62.80
CA SER A 185 16.15 -15.05 -63.04
C SER A 185 16.96 -13.85 -63.51
N ALA A 186 16.27 -12.90 -64.14
CA ALA A 186 16.87 -11.66 -64.63
C ALA A 186 17.67 -10.96 -63.54
N ASP A 187 17.04 -10.75 -62.38
CA ASP A 187 17.66 -10.02 -61.29
C ASP A 187 18.36 -10.89 -60.24
N GLN A 188 18.02 -12.17 -60.17
CA GLN A 188 18.87 -13.03 -59.40
C GLN A 188 20.32 -12.80 -59.84
N GLN A 189 20.52 -12.55 -61.13
CA GLN A 189 21.88 -12.42 -61.67
C GLN A 189 22.41 -11.01 -61.48
N SER A 190 21.51 -10.04 -61.61
CA SER A 190 21.84 -8.65 -61.34
C SER A 190 22.39 -8.50 -59.93
N LEU A 191 21.73 -9.17 -58.99
CA LEU A 191 22.06 -9.09 -57.57
C LEU A 191 23.25 -9.97 -57.18
N TYR A 192 23.28 -11.22 -57.64
CA TYR A 192 24.29 -12.15 -57.14
C TYR A 192 24.98 -12.98 -58.22
N GLN A 193 24.74 -12.68 -59.48
CA GLN A 193 25.47 -13.33 -60.59
C GLN A 193 25.18 -14.84 -60.74
N ASN A 194 25.57 -15.62 -59.74
CA ASN A 194 25.25 -17.04 -59.75
C ASN A 194 23.73 -17.23 -59.76
N ALA A 195 23.26 -18.15 -60.60
CA ALA A 195 21.84 -18.40 -60.70
C ALA A 195 21.35 -19.40 -59.65
N ASP A 196 22.12 -20.47 -59.42
CA ASP A 196 21.81 -21.41 -58.35
C ASP A 196 22.66 -21.04 -57.14
N THR A 197 21.97 -20.74 -56.05
CA THR A 197 22.60 -20.26 -54.84
C THR A 197 22.00 -20.97 -53.65
N TYR A 198 22.63 -20.82 -52.49
CA TYR A 198 22.06 -21.31 -51.24
C TYR A 198 22.67 -20.52 -50.12
N VAL A 199 21.98 -20.48 -48.99
CA VAL A 199 22.49 -19.87 -47.78
C VAL A 199 22.52 -21.00 -46.77
N PHE A 200 23.47 -20.95 -45.85
CA PHE A 200 23.49 -21.96 -44.80
C PHE A 200 23.83 -21.36 -43.47
N VAL A 201 22.83 -21.18 -42.62
CA VAL A 201 23.10 -20.81 -41.24
C VAL A 201 23.33 -22.09 -40.43
N GLY A 202 24.30 -22.05 -39.54
CA GLY A 202 24.68 -23.20 -38.75
C GLY A 202 24.99 -22.73 -37.35
N SER A 203 25.13 -23.67 -36.43
CA SER A 203 25.17 -23.31 -35.03
C SER A 203 25.17 -24.59 -34.20
N SER A 204 25.43 -24.50 -32.90
CA SER A 204 25.47 -25.71 -32.09
C SER A 204 24.14 -26.45 -32.14
N ARG A 205 23.04 -25.69 -31.99
CA ARG A 205 21.69 -26.25 -32.01
C ARG A 205 20.98 -26.05 -33.35
N TYR A 206 20.98 -24.82 -33.85
CA TYR A 206 20.30 -24.50 -35.10
C TYR A 206 21.13 -25.07 -36.24
N SER A 207 20.59 -24.99 -37.46
CA SER A 207 21.24 -25.54 -38.64
C SER A 207 20.22 -25.75 -39.76
N LYS A 208 20.20 -24.85 -40.74
CA LYS A 208 19.27 -24.99 -41.87
C LYS A 208 19.88 -24.51 -43.18
N LYS A 209 19.73 -25.30 -44.24
CA LYS A 209 20.15 -24.87 -45.58
C LYS A 209 18.98 -24.28 -46.34
N PHE A 210 19.10 -23.01 -46.74
CA PHE A 210 18.04 -22.30 -47.47
C PHE A 210 18.36 -22.32 -48.95
N LYS A 211 17.32 -22.41 -49.78
CA LYS A 211 17.49 -22.20 -51.23
C LYS A 211 16.40 -21.28 -51.82
N PRO A 212 16.82 -20.16 -52.40
CA PRO A 212 15.95 -19.10 -52.90
C PRO A 212 14.94 -19.59 -53.96
N GLU A 213 13.67 -19.27 -53.72
CA GLU A 213 12.59 -19.66 -54.62
C GLU A 213 12.21 -18.51 -55.57
N ILE A 214 12.60 -18.66 -56.85
CA ILE A 214 12.54 -17.55 -57.83
C ILE A 214 11.25 -17.47 -58.65
N ALA A 215 10.38 -16.54 -58.30
CA ALA A 215 9.07 -16.48 -58.94
C ALA A 215 8.42 -15.13 -58.73
N ILE A 216 7.37 -14.85 -59.48
CA ILE A 216 6.72 -13.55 -59.42
C ILE A 216 5.43 -13.53 -58.63
N ARG A 217 5.50 -12.95 -57.44
CA ARG A 217 4.38 -12.86 -56.54
C ARG A 217 3.73 -11.49 -56.62
N PRO A 218 2.39 -11.42 -56.54
CA PRO A 218 1.61 -10.18 -56.55
C PRO A 218 2.35 -8.98 -55.95
N LYS A 219 2.61 -7.95 -56.75
CA LYS A 219 3.35 -6.76 -56.29
C LYS A 219 2.91 -6.34 -54.91
N VAL A 220 3.82 -6.32 -53.94
CA VAL A 220 3.51 -5.69 -52.66
C VAL A 220 4.54 -4.64 -52.30
N ARG A 221 4.07 -3.45 -51.92
CA ARG A 221 4.92 -2.27 -51.84
C ARG A 221 5.76 -2.16 -53.13
N ASP A 222 5.10 -2.44 -54.26
CA ASP A 222 5.72 -2.47 -55.61
C ASP A 222 6.80 -3.52 -55.74
N GLN A 223 6.62 -4.64 -55.04
CA GLN A 223 7.64 -5.69 -54.99
C GLN A 223 7.09 -7.04 -55.38
N GLU A 224 7.70 -7.66 -56.39
CA GLU A 224 7.26 -8.94 -56.89
C GLU A 224 8.15 -10.04 -56.35
N GLY A 225 9.14 -9.66 -55.56
CA GLY A 225 10.00 -10.64 -54.91
C GLY A 225 9.69 -10.57 -53.43
N ARG A 226 10.34 -11.41 -52.65
CA ARG A 226 10.02 -11.52 -51.22
C ARG A 226 11.28 -11.77 -50.44
N MET A 227 11.21 -11.52 -49.14
CA MET A 227 12.33 -11.72 -48.26
C MET A 227 11.83 -12.36 -46.98
N ASN A 228 12.42 -13.49 -46.62
CA ASN A 228 12.04 -14.21 -45.40
C ASN A 228 13.03 -13.95 -44.29
N TYR A 229 12.51 -13.65 -43.11
CA TYR A 229 13.36 -13.26 -42.00
C TYR A 229 13.42 -14.37 -40.98
N TYR A 230 14.60 -14.64 -40.45
CA TYR A 230 14.75 -15.70 -39.47
C TYR A 230 15.48 -15.13 -38.27
N TRP A 231 15.35 -15.80 -37.14
CA TRP A 231 16.07 -15.39 -35.92
C TRP A 231 16.54 -16.64 -35.23
N THR A 232 17.35 -16.47 -34.19
CA THR A 232 17.88 -17.60 -33.44
C THR A 232 18.77 -17.13 -32.31
N LEU A 233 18.69 -17.84 -31.18
CA LEU A 233 19.42 -17.44 -29.98
C LEU A 233 20.64 -18.30 -29.78
N VAL A 234 21.80 -17.77 -30.17
CA VAL A 234 23.09 -18.37 -29.86
C VAL A 234 23.35 -18.19 -28.38
N GLU A 235 23.56 -19.28 -27.64
CA GLU A 235 23.79 -19.13 -26.21
C GLU A 235 25.26 -18.80 -25.98
N PRO A 236 25.62 -18.38 -24.77
CA PRO A 236 27.02 -18.03 -24.50
C PRO A 236 27.95 -19.20 -24.75
N GLY A 237 29.07 -18.96 -25.43
CA GLY A 237 30.06 -19.99 -25.66
C GLY A 237 29.87 -20.64 -27.01
N ASP A 238 28.78 -20.29 -27.67
CA ASP A 238 28.38 -20.92 -28.92
C ASP A 238 28.96 -20.15 -30.10
N LYS A 239 29.20 -20.86 -31.20
CA LYS A 239 29.66 -20.25 -32.44
C LYS A 239 28.42 -20.15 -33.31
N ILE A 240 28.50 -19.42 -34.41
CA ILE A 240 27.43 -19.46 -35.41
C ILE A 240 27.96 -19.04 -36.79
N THR A 241 27.87 -19.98 -37.74
CA THR A 241 28.44 -19.82 -39.06
C THR A 241 27.44 -19.34 -40.08
N PHE A 242 27.83 -18.36 -40.89
CA PHE A 242 27.09 -18.01 -42.09
C PHE A 242 27.87 -18.42 -43.33
N GLU A 243 27.17 -18.59 -44.43
CA GLU A 243 27.78 -19.15 -45.63
C GLU A 243 26.81 -19.05 -46.79
N ALA A 244 27.28 -18.50 -47.89
CA ALA A 244 26.36 -18.09 -48.91
C ALA A 244 27.00 -17.92 -50.31
N THR A 245 26.14 -17.92 -51.32
CA THR A 245 26.56 -17.86 -52.70
C THR A 245 25.62 -16.88 -53.39
N GLY A 246 24.87 -16.16 -52.55
CA GLY A 246 23.95 -15.12 -52.95
C GLY A 246 22.72 -15.18 -52.07
N ASN A 247 21.84 -14.19 -52.17
CA ASN A 247 20.53 -14.25 -51.53
C ASN A 247 20.51 -14.16 -50.00
N LEU A 248 21.67 -14.01 -49.39
CA LEU A 248 21.72 -13.74 -47.96
C LEU A 248 21.60 -12.22 -47.64
N VAL A 249 20.84 -11.92 -46.59
CA VAL A 249 20.77 -10.58 -46.01
C VAL A 249 21.34 -10.70 -44.62
N VAL A 250 22.61 -10.37 -44.47
CA VAL A 250 23.35 -10.66 -43.25
C VAL A 250 23.06 -9.71 -42.10
N PRO A 251 23.39 -10.12 -40.88
CA PRO A 251 23.22 -9.14 -39.81
C PRO A 251 24.28 -8.04 -39.83
N ARG A 252 23.89 -6.85 -39.39
CA ARG A 252 24.85 -5.83 -39.03
C ARG A 252 24.85 -5.85 -37.51
N TYR A 253 23.70 -5.57 -36.94
CA TYR A 253 23.55 -5.57 -35.49
C TYR A 253 22.86 -6.83 -34.95
N ALA A 254 23.28 -7.25 -33.75
CA ALA A 254 22.62 -8.30 -33.00
C ALA A 254 22.15 -7.72 -31.66
N PHE A 255 21.61 -8.57 -30.78
CA PHE A 255 21.16 -8.10 -29.48
C PHE A 255 21.49 -9.11 -28.37
N ALA A 256 22.32 -8.71 -27.41
CA ALA A 256 22.62 -9.55 -26.24
C ALA A 256 21.62 -9.24 -25.16
N MET A 257 21.11 -10.27 -24.47
CA MET A 257 19.96 -10.09 -23.59
C MET A 257 19.72 -11.16 -22.53
N GLU A 258 19.27 -10.72 -21.37
CA GLU A 258 18.72 -11.62 -20.37
C GLU A 258 17.21 -11.50 -20.40
N ARG A 259 16.55 -12.63 -20.58
CA ARG A 259 15.11 -12.69 -20.56
C ARG A 259 14.66 -13.23 -19.21
N ASN A 260 13.63 -12.60 -18.66
CA ASN A 260 12.84 -13.18 -17.59
C ASN A 260 11.62 -13.76 -18.28
N ALA A 261 11.82 -14.00 -19.59
CA ALA A 261 10.80 -14.35 -20.58
C ALA A 261 9.48 -14.79 -19.96
N GLY A 262 8.89 -13.88 -19.19
CA GLY A 262 7.63 -14.10 -18.54
C GLY A 262 6.80 -12.83 -18.57
N SER A 263 6.16 -12.56 -19.71
CA SER A 263 5.25 -11.42 -19.76
C SER A 263 4.42 -11.31 -21.06
N GLY A 264 3.98 -10.10 -21.37
CA GLY A 264 3.10 -9.92 -22.50
C GLY A 264 3.16 -8.61 -23.22
N ILE A 265 2.34 -8.48 -24.25
CA ILE A 265 2.26 -7.25 -25.02
C ILE A 265 0.86 -6.60 -24.92
N ILE A 266 0.85 -5.32 -24.62
CA ILE A 266 -0.37 -4.55 -24.64
C ILE A 266 -0.43 -3.91 -26.01
N ILE A 267 -1.58 -4.01 -26.67
CA ILE A 267 -1.79 -3.24 -27.88
C ILE A 267 -2.85 -2.19 -27.59
N SER A 268 -2.43 -0.95 -27.34
CA SER A 268 -3.37 0.08 -26.90
C SER A 268 -3.06 1.53 -27.30
N ASP A 269 -4.08 2.37 -27.37
CA ASP A 269 -3.84 3.79 -27.60
C ASP A 269 -3.74 4.56 -26.29
N THR A 270 -3.44 3.84 -25.21
CA THR A 270 -3.41 4.44 -23.90
C THR A 270 -2.04 4.99 -23.59
N PRO A 271 -1.97 6.19 -22.98
CA PRO A 271 -0.71 6.89 -22.65
C PRO A 271 0.20 6.14 -21.65
N VAL A 272 1.51 6.35 -21.76
CA VAL A 272 2.43 5.81 -20.77
C VAL A 272 2.75 6.86 -19.71
N HIS A 273 2.66 6.50 -18.45
CA HIS A 273 2.95 7.41 -17.36
C HIS A 273 4.00 6.88 -16.41
N ASP A 274 4.39 7.73 -15.48
CA ASP A 274 5.49 7.48 -14.56
C ASP A 274 5.07 6.62 -13.37
N CYS A 275 3.75 6.48 -13.20
CA CYS A 275 3.17 5.77 -12.05
C CYS A 275 3.59 4.30 -11.98
N ASN A 276 3.41 3.70 -10.81
CA ASN A 276 3.65 2.26 -10.67
C ASN A 276 2.31 1.54 -10.60
N THR A 277 2.30 0.24 -10.83
CA THR A 277 1.09 -0.54 -10.69
C THR A 277 1.49 -1.93 -10.28
N THR A 278 0.51 -2.80 -10.08
CA THR A 278 0.80 -4.21 -9.89
C THR A 278 0.01 -4.94 -10.95
N CYS A 279 -0.93 -4.23 -11.54
CA CYS A 279 -1.80 -4.83 -12.51
C CYS A 279 -2.08 -3.85 -13.64
N GLN A 280 -1.59 -4.21 -14.82
CA GLN A 280 -1.78 -3.40 -15.99
C GLN A 280 -2.89 -3.96 -16.87
N THR A 281 -3.60 -3.10 -17.55
CA THR A 281 -4.56 -3.55 -18.54
C THR A 281 -4.44 -2.60 -19.71
N PRO A 282 -4.85 -3.07 -20.89
CA PRO A 282 -4.91 -2.17 -22.03
C PRO A 282 -5.67 -0.86 -21.76
N LYS A 283 -6.66 -0.87 -20.87
CA LYS A 283 -7.45 0.34 -20.59
C LYS A 283 -6.78 1.26 -19.58
N GLY A 284 -6.05 0.68 -18.64
CA GLY A 284 -5.30 1.44 -17.65
C GLY A 284 -4.79 0.52 -16.56
N ALA A 285 -4.24 1.10 -15.50
CA ALA A 285 -3.77 0.29 -14.39
C ALA A 285 -4.93 0.12 -13.44
N ILE A 286 -4.90 -0.90 -12.60
CA ILE A 286 -5.88 -1.01 -11.52
C ILE A 286 -5.20 -1.35 -10.22
N ASN A 287 -5.96 -1.32 -9.14
CA ASN A 287 -5.45 -1.73 -7.84
C ASN A 287 -5.62 -3.21 -7.61
N THR A 288 -4.91 -3.71 -6.61
CA THR A 288 -4.89 -5.12 -6.33
C THR A 288 -5.30 -5.40 -4.90
N SER A 289 -5.94 -4.43 -4.25
CA SER A 289 -6.26 -4.55 -2.84
C SER A 289 -7.65 -5.13 -2.67
N LEU A 290 -8.18 -5.68 -3.76
CA LEU A 290 -9.50 -6.29 -3.80
C LEU A 290 -9.46 -7.55 -4.64
N PRO A 291 -10.35 -8.50 -4.37
CA PRO A 291 -10.29 -9.83 -5.01
C PRO A 291 -10.79 -9.94 -6.46
N PHE A 292 -11.73 -9.10 -6.88
CA PHE A 292 -12.38 -9.27 -8.18
C PHE A 292 -12.36 -7.94 -8.89
N GLN A 293 -12.67 -7.97 -10.18
CA GLN A 293 -12.41 -6.85 -11.03
C GLN A 293 -13.15 -7.07 -12.34
N ASN A 294 -13.73 -6.02 -12.91
CA ASN A 294 -14.46 -6.14 -14.16
C ASN A 294 -14.02 -5.12 -15.21
N ILE A 295 -12.80 -4.62 -15.05
CA ILE A 295 -12.22 -3.67 -15.99
C ILE A 295 -11.81 -4.34 -17.28
N HIS A 296 -11.24 -5.53 -17.19
CA HIS A 296 -10.66 -6.15 -18.37
C HIS A 296 -10.10 -7.54 -18.09
N PRO A 297 -10.37 -8.47 -19.01
CA PRO A 297 -9.96 -9.88 -19.04
C PRO A 297 -8.46 -10.02 -19.26
N ILE A 298 -7.94 -9.32 -20.26
CA ILE A 298 -6.49 -9.23 -20.45
C ILE A 298 -5.78 -8.43 -19.37
N THR A 299 -4.87 -9.09 -18.67
CA THR A 299 -4.23 -8.51 -17.52
C THR A 299 -2.76 -8.94 -17.49
N ILE A 300 -1.86 -8.04 -17.11
CA ILE A 300 -0.47 -8.36 -16.80
C ILE A 300 -0.15 -7.97 -15.36
N GLY A 301 0.41 -8.88 -14.57
CA GLY A 301 0.75 -8.58 -13.18
C GLY A 301 0.37 -9.61 -12.14
N LYS A 302 0.03 -9.13 -10.95
CA LYS A 302 -0.51 -9.99 -9.92
C LYS A 302 -1.90 -9.47 -9.66
N CYS A 303 -2.86 -9.96 -10.44
CA CYS A 303 -4.12 -9.25 -10.62
C CYS A 303 -5.36 -9.82 -9.96
N PRO A 304 -6.36 -8.97 -9.73
CA PRO A 304 -7.67 -9.39 -9.25
C PRO A 304 -8.28 -10.32 -10.27
N LYS A 305 -9.15 -11.25 -9.86
CA LYS A 305 -9.78 -12.16 -10.82
C LYS A 305 -10.83 -11.41 -11.60
N TYR A 306 -10.87 -11.63 -12.93
CA TYR A 306 -11.87 -10.99 -13.77
C TYR A 306 -13.24 -11.63 -13.61
N VAL A 307 -14.24 -10.81 -13.33
CA VAL A 307 -15.61 -11.29 -13.18
C VAL A 307 -16.55 -10.48 -14.04
N LYS A 308 -17.68 -11.08 -14.39
CA LYS A 308 -18.67 -10.41 -15.21
C LYS A 308 -19.76 -9.82 -14.31
N SER A 309 -19.46 -9.67 -13.02
CA SER A 309 -20.43 -9.08 -12.09
C SER A 309 -20.38 -7.55 -12.10
N THR A 310 -21.47 -6.89 -11.71
CA THR A 310 -21.52 -5.43 -11.73
C THR A 310 -21.43 -4.81 -10.33
N LYS A 311 -21.83 -5.55 -9.31
CA LYS A 311 -21.61 -5.12 -7.94
C LYS A 311 -21.24 -6.34 -7.09
N LEU A 312 -20.34 -6.14 -6.13
CA LEU A 312 -20.04 -7.18 -5.18
C LEU A 312 -19.95 -6.55 -3.81
N ARG A 313 -21.06 -6.00 -3.36
CA ARG A 313 -21.17 -5.37 -2.05
C ARG A 313 -21.26 -6.44 -0.99
N LEU A 314 -20.42 -6.34 0.02
CA LEU A 314 -20.43 -7.30 1.10
C LEU A 314 -20.96 -6.60 2.34
N ALA A 315 -22.15 -6.97 2.80
CA ALA A 315 -22.72 -6.32 3.99
C ALA A 315 -21.75 -6.49 5.13
N THR A 316 -21.46 -5.41 5.86
CA THR A 316 -20.74 -5.53 7.12
C THR A 316 -21.63 -5.25 8.31
N GLY A 317 -22.48 -4.24 8.18
CA GLY A 317 -23.38 -3.85 9.25
C GLY A 317 -24.80 -4.37 9.18
N LEU A 318 -25.68 -3.73 9.97
CA LEU A 318 -27.06 -4.13 10.17
C LEU A 318 -27.96 -3.76 9.04
N ARG A 319 -29.18 -4.25 9.12
CA ARG A 319 -30.20 -3.89 8.16
C ARG A 319 -30.67 -2.49 8.51
N ASN A 320 -30.45 -1.55 7.59
CA ASN A 320 -30.89 -0.18 7.87
C ASN A 320 -32.38 -0.05 7.80
N ILE A 321 -32.99 0.21 8.96
CA ILE A 321 -34.42 0.27 9.07
C ILE A 321 -34.78 1.47 9.92
N PRO A 322 -34.55 2.68 9.40
CA PRO A 322 -34.84 3.86 10.23
C PRO A 322 -36.35 3.98 10.39
N SER A 323 -37.10 3.61 9.35
CA SER A 323 -38.56 3.60 9.36
C SER A 323 -39.18 2.30 8.85
N ILE A 324 -40.33 1.98 9.42
CA ILE A 324 -41.18 0.86 9.05
C ILE A 324 -42.37 1.49 8.36
N GLN A 325 -42.12 2.53 7.57
CA GLN A 325 -43.21 3.30 6.97
C GLN A 325 -43.58 2.72 5.61
N SER A 326 -44.81 3.01 5.17
CA SER A 326 -45.29 2.52 3.86
C SER A 326 -44.78 1.10 3.53
N ARG A 327 -44.69 0.27 4.57
CA ARG A 327 -44.28 -1.11 4.41
C ARG A 327 -45.36 -1.90 3.68
N GLY B 1 -47.20 -1.53 5.31
CA GLY B 1 -47.92 -2.70 4.85
C GLY B 1 -47.82 -3.84 5.83
N LEU B 2 -48.37 -4.98 5.42
CA LEU B 2 -48.43 -6.17 6.26
C LEU B 2 -47.10 -6.91 6.23
N PHE B 3 -46.98 -7.98 7.02
CA PHE B 3 -45.69 -8.68 7.13
C PHE B 3 -45.79 -10.02 7.87
N GLY B 4 -45.12 -11.04 7.35
CA GLY B 4 -45.07 -12.32 8.00
C GLY B 4 -44.72 -12.18 9.48
N ALA B 5 -45.33 -13.01 10.32
CA ALA B 5 -45.06 -12.98 11.75
C ALA B 5 -43.73 -13.66 12.10
N ILE B 6 -43.07 -14.21 11.09
CA ILE B 6 -41.77 -14.85 11.28
C ILE B 6 -40.67 -13.80 11.28
N ALA B 7 -41.06 -12.55 11.03
CA ALA B 7 -40.10 -11.45 10.93
C ALA B 7 -39.72 -10.89 12.30
N GLY B 8 -38.42 -10.92 12.60
CA GLY B 8 -37.86 -10.44 13.85
C GLY B 8 -38.75 -9.57 14.73
N PHE B 9 -38.87 -9.99 15.99
CA PHE B 9 -39.78 -9.35 16.93
C PHE B 9 -39.54 -7.86 17.06
N ILE B 10 -38.26 -7.46 17.03
CA ILE B 10 -37.86 -6.06 17.11
C ILE B 10 -37.91 -5.44 15.71
N GLU B 11 -38.98 -4.70 15.44
CA GLU B 11 -39.31 -4.28 14.08
C GLU B 11 -38.40 -3.18 13.50
N GLY B 12 -38.16 -2.13 14.26
CA GLY B 12 -37.37 -1.01 13.76
C GLY B 12 -35.97 -0.79 14.31
N GLY B 13 -35.24 0.08 13.62
CA GLY B 13 -33.92 0.50 14.03
C GLY B 13 -33.97 1.85 14.69
N TRP B 14 -32.85 2.25 15.28
CA TRP B 14 -32.75 3.50 16.05
C TRP B 14 -31.71 4.44 15.48
N THR B 15 -32.13 5.46 14.74
CA THR B 15 -31.17 6.45 14.32
C THR B 15 -30.65 7.12 15.58
N GLY B 16 -31.32 6.83 16.68
CA GLY B 16 -31.07 7.48 17.94
C GLY B 16 -29.82 6.96 18.59
N MET B 17 -29.62 5.65 18.53
CA MET B 17 -28.47 5.01 19.15
C MET B 17 -27.25 5.08 18.22
N VAL B 18 -26.51 6.18 18.35
CA VAL B 18 -25.45 6.55 17.43
C VAL B 18 -24.09 5.92 17.78
N ASP B 19 -23.91 5.60 19.06
CA ASP B 19 -22.61 5.18 19.60
C ASP B 19 -22.16 3.78 19.18
N GLY B 20 -23.09 2.91 18.82
CA GLY B 20 -22.74 1.54 18.48
C GLY B 20 -23.82 0.80 17.74
N TRP B 21 -23.64 -0.49 17.55
CA TRP B 21 -24.57 -1.31 16.77
C TRP B 21 -25.77 -1.76 17.59
N TYR B 22 -25.49 -2.49 18.67
CA TYR B 22 -26.54 -3.00 19.54
C TYR B 22 -26.62 -2.12 20.77
N GLY B 23 -27.75 -2.13 21.47
CA GLY B 23 -27.90 -1.26 22.64
C GLY B 23 -29.28 -1.13 23.28
N TYR B 24 -29.39 -0.22 24.24
CA TYR B 24 -30.63 -0.14 25.01
C TYR B 24 -31.26 1.23 24.98
N HIS B 25 -32.43 1.31 25.59
CA HIS B 25 -33.14 2.57 25.76
C HIS B 25 -33.90 2.51 27.08
N HIS B 26 -34.01 3.64 27.76
CA HIS B 26 -34.73 3.64 29.03
C HIS B 26 -35.72 4.79 29.19
N GLN B 27 -36.87 4.47 29.76
CA GLN B 27 -37.81 5.46 30.23
C GLN B 27 -38.01 5.17 31.72
N ASN B 28 -37.53 6.08 32.56
CA ASN B 28 -37.72 5.98 34.01
C ASN B 28 -37.99 7.36 34.59
N GLU B 29 -38.12 7.45 35.92
CA GLU B 29 -38.53 8.69 36.56
C GLU B 29 -37.47 9.81 36.50
N GLN B 30 -36.56 9.73 35.54
CA GLN B 30 -35.45 10.68 35.46
C GLN B 30 -35.19 11.20 34.04
N GLY B 31 -35.80 10.57 33.04
CA GLY B 31 -35.64 10.98 31.65
C GLY B 31 -35.49 9.81 30.70
N SER B 32 -35.49 10.09 29.39
CA SER B 32 -35.22 9.08 28.36
C SER B 32 -33.72 8.96 28.13
N GLY B 33 -33.32 8.08 27.23
CA GLY B 33 -31.92 7.94 26.89
C GLY B 33 -31.67 6.67 26.11
N TYR B 34 -30.63 6.71 25.28
CA TYR B 34 -30.19 5.54 24.56
C TYR B 34 -28.85 5.12 25.13
N ALA B 35 -28.43 3.89 24.88
CA ALA B 35 -27.12 3.44 25.34
C ALA B 35 -26.57 2.31 24.46
N ALA B 36 -25.33 2.46 24.02
CA ALA B 36 -24.75 1.45 23.14
C ALA B 36 -23.92 0.46 23.94
N ASP B 37 -24.20 -0.82 23.75
CA ASP B 37 -23.35 -1.86 24.31
C ASP B 37 -22.01 -1.89 23.58
N LEU B 38 -21.08 -1.06 24.02
CA LEU B 38 -19.75 -1.03 23.41
C LEU B 38 -19.07 -2.40 23.36
N LYS B 39 -19.07 -3.13 24.47
CA LYS B 39 -18.28 -4.35 24.52
C LYS B 39 -18.77 -5.36 23.46
N SER B 40 -20.07 -5.46 23.29
CA SER B 40 -20.65 -6.29 22.25
C SER B 40 -20.41 -5.69 20.88
N THR B 41 -20.39 -4.37 20.81
CA THR B 41 -20.24 -3.69 19.53
C THR B 41 -18.83 -3.90 19.02
N GLN B 42 -17.87 -3.79 19.92
CA GLN B 42 -16.48 -4.02 19.55
C GLN B 42 -16.33 -5.47 19.15
N ASN B 43 -16.92 -6.36 19.93
CA ASN B 43 -16.81 -7.76 19.61
C ASN B 43 -17.20 -8.01 18.17
N ALA B 44 -18.47 -7.76 17.83
CA ALA B 44 -18.95 -7.90 16.45
C ALA B 44 -18.07 -7.19 15.38
N ILE B 45 -17.65 -5.96 15.62
CA ILE B 45 -16.74 -5.29 14.71
C ILE B 45 -15.47 -6.10 14.48
N ASP B 46 -14.90 -6.67 15.55
CA ASP B 46 -13.72 -7.53 15.44
C ASP B 46 -13.98 -8.73 14.55
N GLU B 47 -15.11 -9.38 14.76
CA GLU B 47 -15.47 -10.54 13.98
C GLU B 47 -15.69 -10.23 12.51
N ILE B 48 -16.54 -9.26 12.22
CA ILE B 48 -16.84 -8.83 10.84
C ILE B 48 -15.59 -8.35 10.06
N THR B 49 -14.76 -7.53 10.70
CA THR B 49 -13.47 -7.14 10.13
C THR B 49 -12.70 -8.39 9.70
N ASN B 50 -12.88 -9.46 10.43
CA ASN B 50 -12.18 -10.68 10.09
C ASN B 50 -12.76 -11.40 8.87
N LYS B 51 -14.08 -11.35 8.73
CA LYS B 51 -14.74 -12.03 7.63
C LYS B 51 -14.40 -11.28 6.38
N VAL B 52 -14.45 -9.96 6.49
CA VAL B 52 -14.08 -9.11 5.38
C VAL B 52 -12.65 -9.40 4.91
N ASN B 53 -11.71 -9.38 5.84
CA ASN B 53 -10.35 -9.71 5.49
C ASN B 53 -10.16 -11.14 4.95
N SER B 54 -10.82 -12.13 5.55
CA SER B 54 -10.75 -13.49 5.05
C SER B 54 -11.15 -13.59 3.57
N VAL B 55 -12.38 -13.21 3.28
CA VAL B 55 -12.85 -13.12 1.92
C VAL B 55 -11.84 -12.43 0.98
N ILE B 56 -11.11 -11.43 1.46
CA ILE B 56 -10.18 -10.71 0.59
C ILE B 56 -8.80 -11.37 0.48
N GLU B 57 -8.16 -11.58 1.63
CA GLU B 57 -6.76 -11.99 1.69
C GLU B 57 -6.50 -13.46 1.37
N LYS B 58 -7.55 -14.28 1.41
CA LYS B 58 -7.39 -15.71 1.18
C LYS B 58 -7.17 -15.99 -0.30
N MET B 59 -7.28 -14.96 -1.12
CA MET B 59 -7.25 -15.15 -2.56
C MET B 59 -5.84 -15.12 -3.09
N ASN B 60 -5.42 -16.23 -3.71
CA ASN B 60 -4.06 -16.31 -4.27
C ASN B 60 -3.83 -15.41 -5.46
N THR B 61 -2.58 -15.20 -5.80
CA THR B 61 -2.29 -14.33 -6.93
C THR B 61 -0.86 -14.51 -7.48
N GLN B 62 -0.77 -15.39 -8.47
CA GLN B 62 0.46 -15.61 -9.23
C GLN B 62 0.65 -14.44 -10.17
N PHE B 63 1.90 -14.11 -10.51
CA PHE B 63 2.11 -13.19 -11.60
C PHE B 63 1.70 -13.89 -12.87
N THR B 64 0.69 -13.35 -13.52
CA THR B 64 0.20 -13.93 -14.74
C THR B 64 0.17 -12.85 -15.79
N ALA B 65 0.30 -13.24 -17.04
CA ALA B 65 0.22 -12.30 -18.15
C ALA B 65 -0.71 -12.86 -19.20
N VAL B 66 -1.96 -13.05 -18.83
CA VAL B 66 -2.99 -13.45 -19.79
C VAL B 66 -2.76 -12.75 -21.11
N GLY B 67 -3.10 -13.42 -22.20
CA GLY B 67 -2.89 -12.79 -23.48
C GLY B 67 -1.86 -13.53 -24.27
N LYS B 68 -2.21 -13.82 -25.51
CA LYS B 68 -1.46 -14.68 -26.40
C LYS B 68 -1.73 -14.22 -27.82
N GLU B 69 -0.73 -14.25 -28.69
CA GLU B 69 -0.97 -13.97 -30.10
C GLU B 69 -0.82 -15.24 -30.93
N PHE B 70 -1.73 -15.44 -31.87
CA PHE B 70 -1.61 -16.53 -32.83
C PHE B 70 -1.86 -15.98 -34.21
N ASN B 71 -1.64 -16.80 -35.22
CA ASN B 71 -1.86 -16.37 -36.59
C ASN B 71 -3.00 -17.12 -37.27
N HIS B 72 -3.45 -16.60 -38.40
CA HIS B 72 -4.50 -17.19 -39.22
C HIS B 72 -4.47 -18.73 -39.33
N LEU B 73 -3.43 -19.35 -38.77
CA LEU B 73 -3.18 -20.79 -38.99
C LEU B 73 -2.97 -21.59 -37.71
N GLU B 74 -3.22 -20.94 -36.57
CA GLU B 74 -3.18 -21.58 -35.26
C GLU B 74 -4.46 -21.24 -34.52
N LYS B 75 -5.59 -21.38 -35.23
CA LYS B 75 -6.89 -20.96 -34.72
C LYS B 75 -7.47 -21.95 -33.70
N ARG B 76 -7.21 -23.24 -33.89
CA ARG B 76 -7.59 -24.26 -32.90
C ARG B 76 -7.01 -23.94 -31.52
N ILE B 77 -5.69 -23.76 -31.45
CA ILE B 77 -5.10 -23.28 -30.22
C ILE B 77 -5.80 -22.04 -29.68
N GLU B 78 -5.88 -20.98 -30.50
CA GLU B 78 -6.51 -19.72 -30.06
C GLU B 78 -7.89 -19.91 -29.44
N ASN B 79 -8.61 -20.94 -29.91
CA ASN B 79 -9.91 -21.28 -29.36
C ASN B 79 -9.81 -22.09 -28.08
N LEU B 80 -8.74 -22.88 -27.95
CA LEU B 80 -8.43 -23.57 -26.70
C LEU B 80 -8.14 -22.51 -25.64
N ASN B 81 -7.34 -21.52 -26.03
CA ASN B 81 -6.99 -20.45 -25.13
C ASN B 81 -8.21 -19.64 -24.76
N LYS B 82 -9.12 -19.48 -25.73
CA LYS B 82 -10.35 -18.73 -25.51
C LYS B 82 -11.15 -19.42 -24.42
N LYS B 83 -11.29 -20.74 -24.50
CA LYS B 83 -12.17 -21.43 -23.55
C LYS B 83 -11.58 -21.55 -22.15
N VAL B 84 -10.26 -21.64 -22.07
CA VAL B 84 -9.62 -21.60 -20.78
C VAL B 84 -9.98 -20.31 -20.05
N ASP B 85 -10.03 -19.21 -20.79
CA ASP B 85 -10.40 -17.91 -20.23
C ASP B 85 -11.89 -17.86 -19.86
N ASP B 86 -12.76 -18.11 -20.83
CA ASP B 86 -14.19 -18.09 -20.61
C ASP B 86 -14.49 -19.04 -19.49
N GLY B 87 -13.85 -20.19 -19.52
CA GLY B 87 -13.95 -21.14 -18.44
C GLY B 87 -13.73 -20.56 -17.05
N PHE B 88 -12.74 -19.69 -16.90
CA PHE B 88 -12.33 -19.18 -15.59
C PHE B 88 -13.28 -18.06 -15.21
N LEU B 89 -13.69 -17.30 -16.21
CA LEU B 89 -14.67 -16.25 -16.05
C LEU B 89 -15.98 -16.77 -15.45
N ASP B 90 -16.46 -17.87 -16.00
CA ASP B 90 -17.75 -18.39 -15.62
C ASP B 90 -17.65 -18.92 -14.23
N ILE B 91 -16.46 -19.39 -13.88
CA ILE B 91 -16.21 -19.93 -12.54
C ILE B 91 -16.18 -18.83 -11.48
N TRP B 92 -15.29 -17.86 -11.65
CA TRP B 92 -15.17 -16.79 -10.68
C TRP B 92 -16.43 -15.95 -10.52
N THR B 93 -17.02 -15.55 -11.64
CA THR B 93 -18.29 -14.85 -11.61
C THR B 93 -19.33 -15.55 -10.73
N TYR B 94 -19.46 -16.85 -10.93
CA TYR B 94 -20.40 -17.64 -10.16
C TYR B 94 -20.05 -17.69 -8.67
N ASN B 95 -18.79 -17.92 -8.35
CA ASN B 95 -18.37 -17.96 -6.96
C ASN B 95 -18.26 -16.58 -6.35
N ALA B 96 -17.86 -15.59 -7.12
CA ALA B 96 -17.86 -14.24 -6.58
C ALA B 96 -19.28 -13.85 -6.18
N GLU B 97 -20.26 -14.39 -6.88
CA GLU B 97 -21.63 -13.94 -6.65
C GLU B 97 -22.24 -14.69 -5.51
N LEU B 98 -22.22 -16.01 -5.57
CA LEU B 98 -22.84 -16.79 -4.53
C LEU B 98 -22.14 -16.57 -3.19
N LEU B 99 -20.85 -16.26 -3.25
CA LEU B 99 -20.08 -15.96 -2.06
C LEU B 99 -20.65 -14.73 -1.36
N VAL B 100 -20.64 -13.60 -2.04
CA VAL B 100 -21.24 -12.42 -1.44
C VAL B 100 -22.71 -12.62 -1.05
N LEU B 101 -23.46 -13.34 -1.86
CA LEU B 101 -24.85 -13.61 -1.59
C LEU B 101 -25.05 -14.35 -0.29
N LEU B 102 -24.41 -15.49 -0.17
CA LEU B 102 -24.53 -16.34 1.00
C LEU B 102 -23.86 -15.76 2.23
N GLU B 103 -22.85 -14.92 2.01
CA GLU B 103 -22.12 -14.32 3.13
C GLU B 103 -22.91 -13.13 3.63
N ASN B 104 -23.70 -12.54 2.75
CA ASN B 104 -24.55 -11.43 3.11
C ASN B 104 -25.72 -11.94 3.88
N GLU B 105 -26.20 -13.10 3.45
CA GLU B 105 -27.20 -13.83 4.19
C GLU B 105 -26.77 -13.99 5.63
N ARG B 106 -25.65 -14.67 5.83
CA ARG B 106 -25.21 -15.05 7.17
C ARG B 106 -24.88 -13.85 8.03
N THR B 107 -24.47 -12.76 7.41
CA THR B 107 -24.03 -11.60 8.18
C THR B 107 -25.20 -10.85 8.79
N LEU B 108 -26.33 -10.86 8.10
CA LEU B 108 -27.46 -10.18 8.66
C LEU B 108 -28.18 -11.07 9.68
N ASP B 109 -27.86 -12.36 9.70
CA ASP B 109 -28.38 -13.23 10.74
C ASP B 109 -27.53 -13.13 12.01
N TYR B 110 -26.22 -13.17 11.84
CA TYR B 110 -25.28 -12.82 12.90
C TYR B 110 -25.81 -11.66 13.73
N HIS B 111 -25.98 -10.50 13.10
CA HIS B 111 -26.57 -9.34 13.76
C HIS B 111 -27.92 -9.59 14.44
N ASP B 112 -28.83 -10.25 13.73
CA ASP B 112 -30.10 -10.66 14.32
C ASP B 112 -29.85 -11.55 15.52
N SER B 113 -29.12 -12.63 15.29
CA SER B 113 -28.74 -13.56 16.34
C SER B 113 -28.14 -12.82 17.52
N ASN B 114 -27.43 -11.74 17.24
CA ASN B 114 -26.75 -10.97 18.25
C ASN B 114 -27.64 -10.14 19.19
N VAL B 115 -28.63 -9.43 18.65
CA VAL B 115 -29.51 -8.69 19.55
C VAL B 115 -30.37 -9.68 20.33
N LYS B 116 -30.91 -10.68 19.63
CA LYS B 116 -31.72 -11.68 20.31
C LYS B 116 -30.97 -12.30 21.50
N ASN B 117 -29.64 -12.29 21.46
CA ASN B 117 -28.82 -12.78 22.59
C ASN B 117 -28.79 -11.79 23.74
N LEU B 118 -28.84 -10.51 23.38
CA LEU B 118 -28.92 -9.40 24.33
C LEU B 118 -30.25 -9.37 25.09
N TYR B 119 -31.33 -9.57 24.35
CA TYR B 119 -32.70 -9.59 24.87
C TYR B 119 -32.90 -10.83 25.73
N GLU B 120 -32.27 -11.91 25.33
CA GLU B 120 -32.25 -13.10 26.16
C GLU B 120 -31.57 -12.80 27.48
N LYS B 121 -30.33 -12.32 27.43
CA LYS B 121 -29.59 -12.04 28.65
C LYS B 121 -30.46 -11.24 29.63
N VAL B 122 -31.21 -10.27 29.11
CA VAL B 122 -32.08 -9.42 29.94
C VAL B 122 -33.34 -10.10 30.50
N ARG B 123 -34.20 -10.63 29.63
CA ARG B 123 -35.36 -11.39 30.12
C ARG B 123 -34.96 -12.46 31.13
N SER B 124 -33.69 -12.87 31.15
CA SER B 124 -33.26 -13.86 32.11
C SER B 124 -32.98 -13.24 33.48
N GLN B 125 -32.50 -12.00 33.50
CA GLN B 125 -32.33 -11.28 34.75
C GLN B 125 -33.68 -10.86 35.34
N LEU B 126 -34.35 -9.93 34.68
CA LEU B 126 -35.61 -9.39 35.14
C LEU B 126 -36.70 -10.44 35.08
N LYS B 127 -36.59 -11.48 35.89
CA LYS B 127 -37.54 -12.57 35.87
C LYS B 127 -38.98 -12.04 35.96
N ASN B 128 -39.49 -11.95 37.19
CA ASN B 128 -40.86 -11.50 37.46
C ASN B 128 -40.98 -9.99 37.56
N ASN B 129 -39.87 -9.33 37.88
CA ASN B 129 -39.86 -7.89 38.06
C ASN B 129 -40.40 -7.11 36.86
N ALA B 130 -40.53 -7.78 35.72
CA ALA B 130 -40.85 -7.04 34.50
C ALA B 130 -41.81 -7.77 33.56
N LYS B 131 -42.48 -7.00 32.74
CA LYS B 131 -43.41 -7.52 31.76
C LYS B 131 -42.72 -7.44 30.40
N GLU B 132 -42.69 -8.56 29.68
CA GLU B 132 -42.21 -8.54 28.30
C GLU B 132 -43.40 -8.22 27.39
N ILE B 133 -43.23 -7.21 26.53
CA ILE B 133 -44.39 -6.60 25.91
C ILE B 133 -44.29 -6.44 24.39
N GLY B 134 -43.12 -6.77 23.83
CA GLY B 134 -42.95 -6.73 22.38
C GLY B 134 -42.06 -5.64 21.81
N ASN B 135 -41.63 -5.84 20.57
CA ASN B 135 -40.54 -5.04 20.00
C ASN B 135 -39.36 -5.01 20.97
N GLY B 136 -39.26 -6.05 21.79
CA GLY B 136 -38.18 -6.17 22.75
C GLY B 136 -38.18 -5.06 23.77
N CYS B 137 -39.33 -4.83 24.39
CA CYS B 137 -39.43 -3.85 25.47
C CYS B 137 -39.92 -4.52 26.75
N PHE B 138 -39.21 -4.29 27.85
CA PHE B 138 -39.67 -4.75 29.16
C PHE B 138 -40.21 -3.56 29.94
N GLU B 139 -41.36 -3.72 30.58
CA GLU B 139 -41.82 -2.70 31.54
C GLU B 139 -41.56 -3.15 32.97
N PHE B 140 -41.25 -2.19 33.82
CA PHE B 140 -40.97 -2.51 35.21
C PHE B 140 -42.18 -2.47 36.16
N TYR B 141 -42.21 -3.43 37.08
CA TYR B 141 -43.21 -3.45 38.13
C TYR B 141 -42.67 -2.74 39.35
N HIS B 142 -41.69 -1.88 39.13
CA HIS B 142 -41.05 -1.22 40.24
C HIS B 142 -40.17 -0.08 39.73
N LYS B 143 -40.04 0.98 40.53
CA LYS B 143 -39.18 2.11 40.17
C LYS B 143 -37.82 1.59 39.72
N CYS B 144 -37.17 2.31 38.81
CA CYS B 144 -35.89 1.84 38.31
C CYS B 144 -34.99 2.99 37.91
N ASP B 145 -34.46 3.68 38.92
CA ASP B 145 -33.58 4.81 38.67
C ASP B 145 -32.38 4.40 37.84
N ASN B 146 -31.45 5.34 37.67
CA ASN B 146 -30.28 5.14 36.83
C ASN B 146 -29.24 4.15 37.41
N THR B 147 -29.46 3.74 38.66
CA THR B 147 -28.70 2.63 39.20
C THR B 147 -29.27 1.35 38.59
N CYS B 148 -30.45 0.96 39.05
CA CYS B 148 -31.17 -0.20 38.51
C CYS B 148 -30.93 -0.41 37.02
N MET B 149 -30.81 0.69 36.29
CA MET B 149 -30.75 0.65 34.83
C MET B 149 -29.35 0.43 34.30
N GLU B 150 -28.40 1.21 34.78
CA GLU B 150 -27.00 0.96 34.41
C GLU B 150 -26.62 -0.43 34.91
N SER B 151 -27.46 -0.98 35.80
CA SER B 151 -27.24 -2.29 36.39
C SER B 151 -27.74 -3.47 35.54
N VAL B 152 -28.96 -3.38 35.02
CA VAL B 152 -29.46 -4.43 34.14
C VAL B 152 -28.54 -4.57 32.93
N LYS B 153 -27.98 -3.43 32.51
CA LYS B 153 -27.05 -3.41 31.40
C LYS B 153 -25.63 -3.82 31.82
N ASN B 154 -25.33 -3.73 33.12
CA ASN B 154 -24.04 -4.19 33.65
C ASN B 154 -24.00 -5.72 33.88
N GLY B 155 -25.10 -6.40 33.55
CA GLY B 155 -25.23 -7.83 33.79
C GLY B 155 -25.38 -8.11 35.28
N THR B 156 -25.44 -7.05 36.06
CA THR B 156 -25.41 -7.15 37.50
C THR B 156 -26.74 -6.69 38.12
N TYR B 157 -27.82 -7.40 37.83
CA TYR B 157 -29.14 -6.99 38.31
C TYR B 157 -29.60 -7.73 39.56
N ASP B 158 -30.08 -6.97 40.54
CA ASP B 158 -30.53 -7.49 41.83
C ASP B 158 -32.01 -7.90 41.77
N TYR B 159 -32.28 -9.20 41.80
CA TYR B 159 -33.66 -9.69 41.68
C TYR B 159 -34.44 -9.71 43.00
N PRO B 160 -33.86 -10.26 44.08
CA PRO B 160 -34.62 -10.23 45.34
C PRO B 160 -35.07 -8.81 45.68
N LYS B 161 -34.11 -7.89 45.71
CA LYS B 161 -34.35 -6.48 46.00
C LYS B 161 -35.72 -5.98 45.56
N TYR B 162 -35.84 -5.69 44.28
CA TYR B 162 -37.04 -5.05 43.75
C TYR B 162 -38.21 -6.03 43.62
N SER B 163 -37.95 -7.33 43.82
CA SER B 163 -38.99 -8.35 43.70
C SER B 163 -40.20 -8.12 44.63
N GLU B 164 -39.95 -7.94 45.92
CA GLU B 164 -40.99 -7.69 46.91
C GLU B 164 -42.00 -6.65 46.42
N GLU B 165 -41.51 -5.48 46.01
CA GLU B 165 -42.35 -4.41 45.51
C GLU B 165 -43.20 -4.83 44.31
N ALA B 166 -42.54 -5.38 43.31
CA ALA B 166 -43.16 -5.85 42.05
C ALA B 166 -44.27 -6.88 42.29
N LYS B 167 -44.05 -7.75 43.27
CA LYS B 167 -45.01 -8.76 43.70
C LYS B 167 -46.42 -8.19 43.88
N LEU B 168 -46.48 -6.97 44.41
CA LEU B 168 -47.77 -6.33 44.69
C LEU B 168 -48.41 -5.69 43.46
N ASN B 169 -47.59 -5.22 42.52
CA ASN B 169 -48.11 -4.58 41.31
C ASN B 169 -48.63 -5.58 40.28
N ARG B 170 -48.13 -6.82 40.35
CA ARG B 170 -48.75 -7.94 39.64
C ARG B 170 -49.99 -8.36 40.44
N GLU B 171 -50.79 -7.37 40.83
CA GLU B 171 -51.98 -7.59 41.63
C GLU B 171 -52.92 -6.42 41.40
N GLU B 172 -52.42 -5.22 41.68
CA GLU B 172 -53.25 -4.02 41.66
C GLU B 172 -53.91 -3.74 40.31
N ILE B 173 -54.75 -2.71 40.28
CA ILE B 173 -55.58 -2.39 39.12
C ILE B 173 -54.78 -2.45 37.83
N GLN C 1 12.53 -1.99 3.29
CA GLN C 1 11.24 -2.18 3.96
C GLN C 1 10.58 -0.86 4.38
N VAL C 2 9.78 -0.89 5.45
CA VAL C 2 8.97 0.28 5.85
C VAL C 2 9.70 1.62 6.06
N GLN C 3 9.10 2.67 5.52
CA GLN C 3 9.71 3.97 5.55
C GLN C 3 8.59 5.01 5.59
N LEU C 4 8.74 5.99 6.48
CA LEU C 4 7.77 7.07 6.63
C LEU C 4 8.46 8.43 6.81
N VAL C 5 8.26 9.34 5.88
CA VAL C 5 8.89 10.65 5.92
C VAL C 5 7.85 11.76 6.11
N GLU C 6 8.05 12.61 7.13
CA GLU C 6 7.18 13.77 7.36
C GLU C 6 7.86 15.01 6.85
N SER C 7 7.08 16.02 6.52
CA SER C 7 7.60 17.29 6.03
C SER C 7 6.69 18.46 6.37
N GLY C 8 7.04 19.65 5.88
CA GLY C 8 6.20 20.82 6.02
C GLY C 8 6.09 21.36 7.42
N GLY C 9 7.10 21.09 8.24
CA GLY C 9 7.13 21.63 9.59
C GLY C 9 7.78 22.99 9.60
N GLY C 10 7.74 23.67 10.75
CA GLY C 10 8.30 24.98 10.81
C GLY C 10 7.64 25.92 11.79
N VAL C 11 7.89 27.22 11.59
CA VAL C 11 7.52 28.22 12.57
C VAL C 11 6.42 29.09 11.97
N VAL C 12 5.30 29.24 12.69
CA VAL C 12 4.15 29.96 12.19
C VAL C 12 3.61 30.88 13.27
N GLN C 13 3.03 32.02 12.89
CA GLN C 13 2.41 32.88 13.90
C GLN C 13 1.07 32.29 14.35
N PRO C 14 0.77 32.38 15.65
CA PRO C 14 -0.48 31.81 16.22
C PRO C 14 -1.74 32.30 15.48
N GLY C 15 -2.73 31.43 15.34
CA GLY C 15 -3.89 31.76 14.55
C GLY C 15 -3.80 31.33 13.09
N ARG C 16 -2.58 31.12 12.61
CA ARG C 16 -2.33 30.80 11.22
C ARG C 16 -2.37 29.30 10.95
N SER C 17 -1.91 28.87 9.76
CA SER C 17 -2.12 27.47 9.34
C SER C 17 -0.89 26.74 8.88
N LEU C 18 -0.98 25.41 8.86
CA LEU C 18 0.13 24.56 8.47
C LEU C 18 -0.33 23.20 7.93
N ARG C 19 0.40 22.69 6.95
CA ARG C 19 0.05 21.41 6.33
C ARG C 19 1.25 20.46 6.27
N LEU C 20 1.15 19.41 7.06
CA LEU C 20 2.18 18.42 7.15
C LEU C 20 1.87 17.33 6.15
N SER C 21 2.93 16.81 5.54
CA SER C 21 2.78 15.68 4.67
C SER C 21 3.53 14.52 5.28
N CYS C 22 3.26 13.31 4.81
CA CYS C 22 4.05 12.15 5.19
C CYS C 22 3.97 11.14 4.08
N ALA C 23 5.08 10.97 3.36
CA ALA C 23 5.17 9.97 2.30
C ALA C 23 5.46 8.62 2.92
N ALA C 24 4.79 7.58 2.42
CA ALA C 24 5.01 6.24 2.93
C ALA C 24 5.68 5.32 1.90
N SER C 25 6.53 4.44 2.40
CA SER C 25 7.19 3.45 1.57
C SER C 25 7.20 2.11 2.29
N GLY C 26 7.23 1.03 1.53
CA GLY C 26 7.56 -0.25 2.13
C GLY C 26 6.41 -1.09 2.61
N PHE C 27 5.21 -0.67 2.29
CA PHE C 27 4.05 -1.45 2.66
C PHE C 27 2.83 -0.97 1.91
N THR C 28 1.73 -1.72 2.00
CA THR C 28 0.53 -1.34 1.27
C THR C 28 -0.27 -0.27 1.97
N PHE C 29 0.04 0.97 1.62
CA PHE C 29 -0.49 2.12 2.33
C PHE C 29 -2.01 2.08 2.35
N SER C 30 -2.63 1.74 1.23
CA SER C 30 -4.08 1.84 1.06
C SER C 30 -4.90 0.82 1.84
N THR C 31 -4.28 0.08 2.76
CA THR C 31 -4.98 -0.87 3.63
C THR C 31 -4.67 -0.69 5.12
N TYR C 32 -4.16 0.46 5.52
CA TYR C 32 -3.96 0.70 6.94
C TYR C 32 -4.49 2.06 7.46
N ALA C 33 -5.02 2.05 8.67
CA ALA C 33 -5.32 3.29 9.33
C ALA C 33 -3.99 4.01 9.53
N MET C 34 -4.02 5.33 9.66
CA MET C 34 -2.81 6.12 9.89
C MET C 34 -3.01 7.15 11.00
N HIS C 35 -2.00 7.38 11.82
CA HIS C 35 -2.14 8.36 12.88
C HIS C 35 -1.11 9.47 12.84
N TRP C 36 -1.48 10.59 13.44
CA TRP C 36 -0.54 11.65 13.74
C TRP C 36 -0.33 11.74 15.25
N VAL C 37 0.93 11.74 15.68
CA VAL C 37 1.23 11.87 17.10
C VAL C 37 2.14 13.07 17.36
N ARG C 38 1.98 13.71 18.51
CA ARG C 38 2.87 14.82 18.80
C ARG C 38 3.44 14.76 20.20
N GLN C 39 4.46 15.58 20.41
CA GLN C 39 5.23 15.56 21.64
C GLN C 39 5.70 16.96 21.88
N ALA C 40 5.06 17.62 22.82
CA ALA C 40 5.47 18.94 23.23
C ALA C 40 6.93 18.87 23.69
N PRO C 41 7.70 19.94 23.42
CA PRO C 41 9.14 19.92 23.70
C PRO C 41 9.43 19.61 25.16
N GLY C 42 9.76 18.35 25.45
CA GLY C 42 10.11 17.96 26.79
C GLY C 42 9.00 17.23 27.52
N LYS C 43 7.79 17.33 26.98
CA LYS C 43 6.62 16.70 27.59
C LYS C 43 6.34 15.29 27.03
N GLY C 44 5.16 14.74 27.32
CA GLY C 44 4.83 13.38 26.91
C GLY C 44 4.45 13.20 25.46
N LEU C 45 3.77 12.10 25.14
CA LEU C 45 3.31 11.86 23.77
C LEU C 45 1.80 12.03 23.66
N GLU C 46 1.37 12.89 22.73
CA GLU C 46 -0.06 13.11 22.54
C GLU C 46 -0.63 12.56 21.20
N TRP C 47 -1.46 11.51 21.28
CA TRP C 47 -2.17 11.05 20.09
C TRP C 47 -3.00 12.22 19.62
N VAL C 48 -3.08 12.41 18.29
CA VAL C 48 -3.76 13.59 17.73
C VAL C 48 -4.91 13.31 16.73
N ALA C 49 -4.75 12.31 15.85
CA ALA C 49 -5.76 12.02 14.85
C ALA C 49 -5.50 10.69 14.14
N VAL C 50 -6.58 10.03 13.71
CA VAL C 50 -6.50 8.78 12.97
C VAL C 50 -7.40 8.87 11.76
N ILE C 51 -6.91 8.43 10.61
CA ILE C 51 -7.77 8.36 9.44
C ILE C 51 -7.83 6.91 8.94
N SER C 52 -9.03 6.37 8.80
CA SER C 52 -9.23 4.99 8.34
C SER C 52 -8.72 4.77 6.92
N TYR C 53 -8.42 3.52 6.56
CA TYR C 53 -7.81 3.23 5.26
C TYR C 53 -8.54 3.78 4.00
N ASP C 54 -9.86 3.57 3.92
CA ASP C 54 -10.70 4.11 2.84
C ASP C 54 -10.89 5.63 2.92
N ALA C 55 -10.63 6.18 4.10
CA ALA C 55 -10.64 7.62 4.31
C ALA C 55 -12.01 8.19 4.62
N ASN C 56 -12.98 7.33 4.89
CA ASN C 56 -14.31 7.84 5.27
C ASN C 56 -14.53 7.88 6.78
N TYR C 57 -13.44 7.84 7.53
CA TYR C 57 -13.51 7.92 8.97
C TYR C 57 -12.30 8.69 9.43
N LYS C 58 -12.55 9.84 10.03
CA LYS C 58 -11.49 10.65 10.62
C LYS C 58 -11.89 10.96 12.06
N TYR C 59 -10.95 10.74 12.97
CA TYR C 59 -11.18 10.93 14.40
C TYR C 59 -10.06 11.73 15.05
N TYR C 60 -10.41 12.64 15.95
CA TYR C 60 -9.43 13.60 16.48
C TYR C 60 -9.37 13.68 18.00
N ALA C 61 -8.21 14.04 18.54
CA ALA C 61 -8.11 14.31 19.98
C ALA C 61 -8.98 15.52 20.30
N ASP C 62 -9.80 15.39 21.35
CA ASP C 62 -10.57 16.50 21.90
C ASP C 62 -9.89 17.84 21.67
N SER C 63 -8.60 17.88 21.94
CA SER C 63 -7.79 19.09 21.89
C SER C 63 -7.38 19.58 20.49
N VAL C 64 -7.91 18.97 19.44
CA VAL C 64 -7.66 19.49 18.11
C VAL C 64 -8.93 19.42 17.30
N LYS C 65 -9.96 18.82 17.90
CA LYS C 65 -11.27 18.76 17.27
C LYS C 65 -11.60 20.16 16.79
N GLY C 66 -12.08 20.27 15.56
CA GLY C 66 -12.44 21.56 15.02
C GLY C 66 -11.36 22.20 14.16
N ARG C 67 -10.11 22.09 14.58
CA ARG C 67 -9.05 22.87 13.94
C ARG C 67 -8.12 22.10 13.04
N PHE C 68 -7.98 20.80 13.29
CA PHE C 68 -7.13 19.95 12.44
C PHE C 68 -7.96 19.11 11.49
N THR C 69 -7.46 18.97 10.28
CA THR C 69 -8.09 18.08 9.31
C THR C 69 -7.08 17.08 8.74
N ILE C 70 -7.22 15.82 9.19
CA ILE C 70 -6.41 14.70 8.69
C ILE C 70 -6.94 14.20 7.35
N SER C 71 -6.04 13.77 6.47
CA SER C 71 -6.43 13.32 5.14
C SER C 71 -5.38 12.44 4.51
N ARG C 72 -5.70 11.83 3.38
CA ARG C 72 -4.72 11.03 2.66
C ARG C 72 -4.91 11.04 1.16
N ASP C 73 -3.94 10.45 0.47
CA ASP C 73 -4.03 10.21 -0.95
C ASP C 73 -3.32 8.90 -1.21
N ASN C 74 -4.08 7.84 -1.43
CA ASN C 74 -3.48 6.53 -1.62
C ASN C 74 -2.74 6.46 -2.96
N SER C 75 -3.22 7.25 -3.90
CA SER C 75 -2.58 7.40 -5.20
C SER C 75 -1.12 7.79 -5.07
N LYS C 76 -0.82 8.70 -4.14
CA LYS C 76 0.55 9.16 -3.90
C LYS C 76 1.18 8.49 -2.68
N ASN C 77 0.40 7.70 -1.96
CA ASN C 77 0.89 7.04 -0.74
C ASN C 77 1.35 8.02 0.31
N THR C 78 0.67 9.15 0.44
CA THR C 78 1.02 10.11 1.47
C THR C 78 -0.14 10.45 2.40
N LEU C 79 0.20 10.91 3.61
CA LEU C 79 -0.76 11.28 4.65
C LEU C 79 -0.57 12.74 5.02
N TYR C 80 -1.67 13.47 5.19
CA TYR C 80 -1.55 14.88 5.54
C TYR C 80 -2.17 15.23 6.87
N LEU C 81 -1.58 16.24 7.51
CA LEU C 81 -2.22 16.94 8.61
C LEU C 81 -2.30 18.40 8.20
N GLN C 82 -3.49 18.96 8.30
CA GLN C 82 -3.66 20.36 7.97
C GLN C 82 -4.13 21.04 9.24
N MET C 83 -3.22 21.76 9.89
CA MET C 83 -3.56 22.42 11.14
C MET C 83 -4.06 23.84 10.88
N ASN C 84 -5.08 24.25 11.62
CA ASN C 84 -5.64 25.59 11.43
C ASN C 84 -5.79 26.37 12.73
N SER C 85 -5.58 27.68 12.65
CA SER C 85 -5.64 28.53 13.82
C SER C 85 -4.86 27.86 14.95
N LEU C 86 -3.54 27.89 14.81
CA LEU C 86 -2.65 27.19 15.72
C LEU C 86 -2.42 28.01 16.97
N ARG C 87 -2.43 27.35 18.12
CA ARG C 87 -2.06 28.00 19.37
C ARG C 87 -0.60 27.63 19.63
N ALA C 88 0.00 28.18 20.68
CA ALA C 88 1.38 27.83 20.99
C ALA C 88 1.39 26.46 21.65
N GLU C 89 0.36 26.19 22.44
CA GLU C 89 0.11 24.87 22.99
C GLU C 89 0.28 23.78 21.91
N ASP C 90 0.18 24.18 20.64
CA ASP C 90 0.32 23.25 19.53
C ASP C 90 1.77 23.01 19.13
N THR C 91 2.68 23.87 19.60
CA THR C 91 4.10 23.66 19.33
C THR C 91 4.51 22.30 19.84
N ALA C 92 5.21 21.56 19.00
CA ALA C 92 5.46 20.16 19.26
C ALA C 92 6.21 19.56 18.08
N VAL C 93 6.69 18.34 18.24
CA VAL C 93 7.25 17.61 17.11
C VAL C 93 6.19 16.60 16.72
N TYR C 94 5.95 16.46 15.41
CA TYR C 94 4.81 15.69 14.90
C TYR C 94 5.24 14.41 14.24
N TYR C 95 4.88 13.30 14.86
CA TYR C 95 5.19 11.96 14.39
C TYR C 95 4.03 11.35 13.58
N CYS C 96 4.33 10.97 12.35
CA CYS C 96 3.44 10.21 11.50
C CYS C 96 3.56 8.70 11.84
N ALA C 97 2.45 8.03 12.07
CA ALA C 97 2.52 6.62 12.55
C ALA C 97 1.53 5.67 11.88
N LYS C 98 1.84 4.38 11.92
CA LYS C 98 1.03 3.37 11.25
C LYS C 98 0.26 2.49 12.23
N ASP C 99 -1.01 2.26 11.94
CA ASP C 99 -1.83 1.36 12.75
C ASP C 99 -1.42 -0.06 12.39
N SER C 100 -1.40 -0.95 13.36
CA SER C 100 -1.03 -2.33 13.11
C SER C 100 -2.12 -3.12 12.43
N GLN C 101 -3.36 -2.66 12.52
CA GLN C 101 -4.51 -3.47 12.10
C GLN C 101 -4.91 -3.27 10.64
N LEU C 102 -4.85 -4.36 9.89
CA LEU C 102 -5.26 -4.39 8.48
C LEU C 102 -6.77 -4.19 8.28
N ARG C 103 -7.12 -3.08 7.64
CA ARG C 103 -8.47 -2.75 7.21
C ARG C 103 -9.47 -2.47 8.32
N SER C 104 -8.96 -2.01 9.46
CA SER C 104 -9.79 -1.74 10.61
C SER C 104 -11.02 -0.94 10.19
N LEU C 105 -12.19 -1.43 10.61
CA LEU C 105 -13.46 -0.73 10.37
C LEU C 105 -13.75 0.28 11.50
N LEU C 106 -13.49 1.55 11.22
CA LEU C 106 -13.60 2.59 12.23
C LEU C 106 -14.99 3.21 12.22
N TYR C 107 -16.00 2.35 12.26
CA TYR C 107 -17.39 2.78 12.18
C TYR C 107 -17.75 3.68 13.35
N PHE C 108 -16.94 3.65 14.40
CA PHE C 108 -17.26 4.37 15.63
C PHE C 108 -16.09 5.06 16.29
N GLU C 109 -16.40 6.20 16.90
CA GLU C 109 -15.39 7.15 17.36
C GLU C 109 -14.46 6.52 18.39
N TRP C 110 -14.96 5.50 19.08
CA TRP C 110 -14.31 5.01 20.28
C TRP C 110 -13.66 3.64 20.18
N LEU C 111 -14.14 2.81 19.26
CA LEU C 111 -13.56 1.49 19.01
C LEU C 111 -12.07 1.54 19.11
N SER C 112 -11.45 0.37 19.10
CA SER C 112 -10.04 0.27 19.39
C SER C 112 -9.21 0.33 18.15
N GLN C 113 -8.00 0.86 18.33
CA GLN C 113 -6.99 0.91 17.29
C GLN C 113 -6.02 -0.24 17.51
N GLY C 114 -5.23 -0.55 16.49
CA GLY C 114 -4.12 -1.47 16.65
C GLY C 114 -3.08 -0.79 17.52
N TYR C 115 -1.81 -1.17 17.39
CA TYR C 115 -0.79 -0.39 18.04
C TYR C 115 -0.08 0.41 16.97
N PHE C 116 1.02 1.05 17.35
CA PHE C 116 1.69 1.94 16.43
C PHE C 116 2.97 1.23 16.06
N ASP C 117 2.94 0.55 14.93
CA ASP C 117 4.06 -0.32 14.56
C ASP C 117 5.27 0.44 14.02
N TYR C 118 5.06 1.36 13.08
CA TYR C 118 6.14 2.15 12.49
C TYR C 118 5.94 3.66 12.62
N TRP C 119 7.01 4.38 12.94
CA TRP C 119 6.95 5.82 13.13
C TRP C 119 7.75 6.65 12.12
N GLY C 120 7.38 7.93 12.00
CA GLY C 120 8.17 8.87 11.22
C GLY C 120 9.34 9.40 12.01
N GLN C 121 10.37 9.88 11.32
CA GLN C 121 11.51 10.53 11.99
C GLN C 121 11.02 11.79 12.71
N GLY C 122 9.80 12.20 12.39
CA GLY C 122 9.16 13.32 13.08
C GLY C 122 9.66 14.68 12.62
N THR C 123 8.72 15.62 12.48
CA THR C 123 9.04 17.00 12.15
C THR C 123 8.46 17.94 13.20
N LEU C 124 9.23 18.92 13.63
CA LEU C 124 8.80 19.84 14.69
C LEU C 124 8.10 21.06 14.11
N VAL C 125 7.10 21.52 14.83
CA VAL C 125 6.30 22.67 14.46
C VAL C 125 6.34 23.63 15.62
N THR C 126 6.90 24.81 15.41
CA THR C 126 6.90 25.82 16.45
C THR C 126 5.88 26.92 16.19
N VAL C 127 4.90 27.05 17.08
CA VAL C 127 3.98 28.18 17.04
C VAL C 127 4.45 29.32 17.93
N SER C 128 4.67 30.48 17.34
CA SER C 128 5.18 31.61 18.10
C SER C 128 5.13 32.95 17.36
N SER C 129 4.65 33.96 18.07
CA SER C 129 4.62 35.32 17.57
C SER C 129 6.03 35.92 17.39
N ALA C 130 7.03 35.31 18.01
CA ALA C 130 8.41 35.74 17.80
C ALA C 130 8.76 35.63 16.33
N SER C 131 9.62 36.53 15.87
CA SER C 131 10.03 36.56 14.46
C SER C 131 11.35 35.81 14.27
N THR C 132 11.56 35.27 13.08
CA THR C 132 12.73 34.45 12.81
C THR C 132 14.01 35.29 12.71
N LYS C 133 14.53 35.72 13.86
CA LYS C 133 15.70 36.59 13.91
C LYS C 133 17.02 35.80 13.90
N GLY C 134 18.13 36.52 13.90
CA GLY C 134 19.46 35.91 13.83
C GLY C 134 19.88 35.18 15.09
N PRO C 135 21.14 34.70 15.11
CA PRO C 135 21.70 33.93 16.24
C PRO C 135 22.11 34.87 17.35
N SER C 136 22.19 36.15 17.03
CA SER C 136 22.50 37.22 17.97
C SER C 136 23.31 36.75 19.18
N CYS C 152 32.28 30.35 23.97
CA CYS C 152 31.48 31.24 23.13
C CYS C 152 29.96 31.06 23.31
N LEU C 153 29.30 32.12 23.80
CA LEU C 153 27.85 32.12 24.09
C LEU C 153 26.97 32.46 22.88
N VAL C 154 25.80 31.83 22.81
CA VAL C 154 24.85 32.04 21.72
C VAL C 154 23.43 32.34 22.24
N LYS C 155 23.03 33.60 22.23
CA LYS C 155 21.76 34.00 22.83
C LYS C 155 20.80 34.69 21.83
N ASP C 156 19.51 34.67 22.15
CA ASP C 156 18.46 35.39 21.42
C ASP C 156 18.33 35.04 19.94
N TYR C 157 18.02 33.78 19.66
CA TYR C 157 17.76 33.32 18.29
C TYR C 157 16.34 32.79 18.23
N PHE C 158 15.92 32.33 17.06
CA PHE C 158 14.59 31.72 16.92
C PHE C 158 14.26 31.24 15.50
N PRO C 159 13.86 29.97 15.37
CA PRO C 159 13.77 28.99 16.46
C PRO C 159 14.98 28.07 16.55
N GLU C 160 14.75 26.83 16.97
CA GLU C 160 15.84 25.88 17.20
C GLU C 160 16.34 25.23 15.90
N PRO C 161 17.68 25.00 15.80
CA PRO C 161 18.71 25.19 16.82
C PRO C 161 18.98 26.64 17.19
N THR C 177 27.66 22.18 24.37
CA THR C 177 26.36 22.71 23.96
C THR C 177 25.23 22.11 24.79
N PHE C 178 24.49 22.95 25.51
CA PHE C 178 23.42 22.49 26.39
C PHE C 178 22.06 22.64 25.74
N PRO C 179 21.03 22.01 26.33
CA PRO C 179 19.63 22.18 25.87
C PRO C 179 19.11 23.56 26.24
N ALA C 180 18.78 24.37 25.24
CA ALA C 180 18.41 25.77 25.46
C ALA C 180 17.24 25.93 26.43
N VAL C 181 16.97 27.17 26.82
CA VAL C 181 15.89 27.46 27.75
C VAL C 181 15.11 28.68 27.28
N LEU C 182 14.18 28.44 26.38
CA LEU C 182 13.22 29.45 25.95
C LEU C 182 12.95 30.46 27.05
N GLN C 183 13.54 31.65 26.93
CA GLN C 183 13.31 32.72 27.88
C GLN C 183 11.97 33.36 27.61
N SER C 184 11.61 34.35 28.43
CA SER C 184 10.29 34.98 28.34
C SER C 184 10.15 35.81 27.07
N SER C 185 11.23 36.50 26.69
CA SER C 185 11.23 37.30 25.48
C SER C 185 10.61 36.54 24.31
N GLY C 186 10.84 35.24 24.25
CA GLY C 186 10.31 34.41 23.19
C GLY C 186 11.40 33.84 22.31
N LEU C 187 12.64 33.98 22.76
CA LEU C 187 13.79 33.49 22.01
C LEU C 187 14.54 32.48 22.87
N TYR C 188 15.42 31.69 22.23
CA TYR C 188 16.09 30.61 22.94
C TYR C 188 17.53 31.00 23.28
N SER C 189 18.09 30.37 24.32
CA SER C 189 19.47 30.66 24.76
C SER C 189 20.06 29.49 25.54
N LEU C 190 21.38 29.46 25.66
CA LEU C 190 22.10 28.31 26.23
C LEU C 190 23.58 28.59 26.48
N SER C 191 24.38 27.53 26.62
CA SER C 191 25.84 27.63 26.70
C SER C 191 26.47 26.76 25.60
N SER C 192 27.79 26.60 25.65
CA SER C 192 28.51 25.62 24.82
C SER C 192 30.01 25.66 25.07
N VAL C 193 30.53 24.58 25.64
CA VAL C 193 31.96 24.48 25.92
C VAL C 193 32.38 23.02 26.00
N VAL C 210 29.56 29.58 15.55
CA VAL C 210 28.10 29.39 15.57
C VAL C 210 27.51 29.47 14.16
N ASN C 211 26.51 28.65 13.89
CA ASN C 211 25.88 28.63 12.56
C ASN C 211 24.39 28.27 12.54
N HIS C 212 23.55 29.30 12.45
CA HIS C 212 22.09 29.15 12.51
C HIS C 212 21.51 28.83 11.14
N LYS C 213 20.59 27.87 11.08
CA LYS C 213 20.02 27.42 9.81
C LYS C 213 18.97 28.38 9.24
N PRO C 214 17.92 28.70 10.03
CA PRO C 214 16.86 29.62 9.58
C PRO C 214 17.42 30.94 9.07
N SER C 215 17.77 31.81 10.01
CA SER C 215 18.46 33.06 9.67
C SER C 215 19.92 32.75 9.37
N ASN C 216 20.30 32.85 8.10
CA ASN C 216 21.66 32.55 7.68
C ASN C 216 22.70 33.43 8.38
N THR C 217 23.56 32.81 9.18
CA THR C 217 24.61 33.54 9.90
C THR C 217 25.88 32.69 10.05
N LYS C 218 26.91 33.27 10.69
CA LYS C 218 28.18 32.58 10.92
C LYS C 218 29.08 33.41 11.86
N VAL C 219 29.23 32.94 13.10
CA VAL C 219 30.00 33.67 14.12
C VAL C 219 31.42 33.11 14.26
N ASP D 1 -12.09 9.02 28.17
CA ASP D 1 -10.68 8.87 27.85
C ASP D 1 -9.92 8.12 28.95
N ILE D 2 -9.62 6.85 28.71
CA ILE D 2 -8.78 6.04 29.59
C ILE D 2 -7.42 6.70 29.89
N VAL D 3 -6.96 6.61 31.14
CA VAL D 3 -5.75 7.30 31.58
C VAL D 3 -4.60 6.40 32.00
N MET D 4 -3.50 6.42 31.25
CA MET D 4 -2.35 5.57 31.55
C MET D 4 -1.29 6.28 32.42
N THR D 5 -1.38 6.07 33.73
CA THR D 5 -0.38 6.55 34.67
C THR D 5 0.66 5.46 34.92
N GLN D 6 1.92 5.85 35.11
CA GLN D 6 2.97 4.87 35.39
C GLN D 6 3.97 5.30 36.49
N SER D 7 4.47 4.33 37.26
CA SER D 7 5.43 4.60 38.33
C SER D 7 6.72 3.80 38.15
N PRO D 8 7.88 4.43 38.35
CA PRO D 8 8.10 5.82 38.77
C PRO D 8 8.52 6.70 37.60
N ASP D 9 8.75 7.98 37.87
CA ASP D 9 9.07 8.97 36.85
C ASP D 9 10.47 8.78 36.27
N SER D 10 11.47 8.67 37.14
CA SER D 10 12.81 8.29 36.72
C SER D 10 13.13 6.98 37.42
N LEU D 11 14.32 6.44 37.16
CA LEU D 11 14.80 5.24 37.83
C LEU D 11 16.29 5.04 37.58
N ALA D 12 17.03 4.69 38.62
CA ALA D 12 18.46 4.45 38.52
C ALA D 12 18.85 2.97 38.67
N VAL D 13 19.67 2.48 37.74
CA VAL D 13 20.13 1.10 37.72
C VAL D 13 21.57 1.00 37.22
N SER D 14 22.42 0.28 37.96
CA SER D 14 23.83 0.15 37.61
C SER D 14 24.06 -0.89 36.51
N LEU D 15 24.60 -0.43 35.38
CA LEU D 15 24.73 -1.22 34.15
C LEU D 15 24.78 -2.75 34.33
N GLY D 16 23.63 -3.37 34.61
CA GLY D 16 23.57 -4.82 34.79
C GLY D 16 22.43 -5.27 35.68
N GLU D 17 21.90 -4.34 36.47
CA GLU D 17 20.80 -4.62 37.40
C GLU D 17 19.46 -4.89 36.69
N ARG D 18 18.43 -5.22 37.46
CA ARG D 18 17.09 -5.35 36.90
C ARG D 18 16.58 -3.97 36.47
N ALA D 19 15.26 -3.85 36.33
CA ALA D 19 14.57 -2.61 35.95
C ALA D 19 13.09 -2.86 35.71
N THR D 20 12.28 -2.73 36.76
CA THR D 20 10.84 -2.95 36.62
C THR D 20 10.06 -1.64 36.66
N ILE D 21 9.42 -1.33 35.54
CA ILE D 21 8.59 -0.14 35.38
C ILE D 21 7.13 -0.52 35.45
N ASN D 22 6.43 -0.07 36.48
CA ASN D 22 5.00 -0.36 36.65
C ASN D 22 4.17 0.46 35.67
N CYS D 23 2.92 0.04 35.42
CA CYS D 23 2.01 0.77 34.54
C CYS D 23 0.54 0.43 34.79
N LYS D 24 -0.07 1.21 35.67
CA LYS D 24 -1.49 1.11 35.98
C LYS D 24 -2.32 1.79 34.87
N SER D 25 -3.63 1.56 34.84
CA SER D 25 -4.47 2.14 33.82
C SER D 25 -5.85 2.44 34.36
N SER D 26 -6.39 3.60 34.01
CA SER D 26 -7.70 4.04 34.47
C SER D 26 -8.68 2.89 34.64
N GLN D 27 -8.64 1.95 33.70
CA GLN D 27 -9.57 0.82 33.69
C GLN D 27 -9.03 -0.36 32.86
N SER D 28 -9.68 -1.51 32.95
CA SER D 28 -9.21 -2.72 32.30
C SER D 28 -9.09 -2.51 30.80
N VAL D 29 -7.96 -2.92 30.25
CA VAL D 29 -7.70 -2.86 28.82
C VAL D 29 -7.45 -4.26 28.31
N THR D 30 -8.25 -5.20 28.81
CA THR D 30 -8.17 -6.58 28.37
C THR D 30 -9.53 -7.03 27.89
N PHE D 31 -9.60 -7.47 26.64
CA PHE D 31 -10.85 -7.82 26.00
C PHE D 31 -10.60 -9.06 25.18
N ASN D 32 -11.44 -10.08 25.34
CA ASN D 32 -11.22 -11.38 24.73
C ASN D 32 -9.77 -11.86 24.79
N TYR D 33 -9.31 -12.11 26.00
CA TYR D 33 -7.99 -12.70 26.19
C TYR D 33 -6.86 -11.84 25.68
N LYS D 34 -7.16 -10.83 24.86
CA LYS D 34 -6.12 -9.92 24.39
C LYS D 34 -5.88 -8.73 25.35
N ASN D 35 -4.63 -8.30 25.44
CA ASN D 35 -4.24 -7.18 26.29
C ASN D 35 -3.86 -5.99 25.43
N TYR D 36 -4.85 -5.20 25.03
CA TYR D 36 -4.56 -4.04 24.20
C TYR D 36 -3.53 -3.05 24.80
N LEU D 37 -2.25 -3.39 24.76
CA LEU D 37 -1.28 -2.52 25.43
C LEU D 37 0.15 -2.68 24.93
N ALA D 38 0.75 -1.61 24.42
CA ALA D 38 2.13 -1.65 23.93
C ALA D 38 3.08 -0.79 24.75
N TRP D 39 4.39 -1.03 24.57
CA TRP D 39 5.46 -0.22 25.15
C TRP D 39 6.36 0.34 24.04
N TYR D 40 6.79 1.59 24.17
CA TYR D 40 7.57 2.22 23.13
C TYR D 40 8.78 2.81 23.79
N GLN D 41 9.90 2.80 23.07
CA GLN D 41 11.17 3.18 23.64
C GLN D 41 11.82 4.32 22.88
N GLN D 42 11.83 5.50 23.50
CA GLN D 42 12.38 6.68 22.86
C GLN D 42 13.74 7.13 23.39
N LYS D 43 14.79 6.91 22.58
CA LYS D 43 16.13 7.36 22.92
C LYS D 43 16.21 8.87 22.72
N PRO D 44 16.53 9.62 23.79
CA PRO D 44 16.63 11.09 23.80
C PRO D 44 17.18 11.66 22.49
N GLY D 45 16.28 12.13 21.63
CA GLY D 45 16.66 12.70 20.34
C GLY D 45 16.12 11.92 19.17
N GLN D 46 15.22 10.98 19.45
CA GLN D 46 14.76 10.03 18.44
C GLN D 46 13.25 9.85 18.42
N PRO D 47 12.73 9.37 17.29
CA PRO D 47 11.37 8.84 17.26
C PRO D 47 11.33 7.65 18.20
N PRO D 48 10.14 7.30 18.70
CA PRO D 48 9.95 6.10 19.53
C PRO D 48 9.93 4.82 18.69
N LYS D 49 10.57 3.77 19.17
CA LYS D 49 10.53 2.48 18.51
C LYS D 49 9.52 1.59 19.26
N LEU D 50 8.77 0.78 18.53
CA LEU D 50 7.93 -0.18 19.21
C LEU D 50 8.83 -1.25 19.86
N LEU D 51 8.44 -1.70 21.05
CA LEU D 51 9.26 -2.61 21.86
C LEU D 51 8.49 -3.89 22.11
N ILE D 52 7.47 -3.82 22.97
CA ILE D 52 6.56 -4.94 23.21
C ILE D 52 5.13 -4.56 22.83
N TYR D 53 4.42 -5.44 22.14
CA TYR D 53 3.00 -5.22 21.85
C TYR D 53 2.12 -6.33 22.43
N TRP D 54 0.81 -6.11 22.44
CA TRP D 54 -0.11 -7.05 23.09
C TRP D 54 0.41 -7.47 24.47
N ALA D 55 0.86 -6.47 25.23
CA ALA D 55 1.31 -6.60 26.64
C ALA D 55 2.68 -7.24 26.82
N SER D 56 2.95 -8.25 26.02
CA SER D 56 4.12 -9.10 26.20
C SER D 56 4.52 -9.78 24.90
N THR D 57 5.21 -9.05 24.02
CA THR D 57 5.63 -9.61 22.74
C THR D 57 6.71 -8.73 22.10
N ARG D 58 7.95 -9.19 22.11
CA ARG D 58 9.06 -8.43 21.49
C ARG D 58 8.84 -8.26 19.99
N GLU D 59 9.10 -7.05 19.51
CA GLU D 59 8.83 -6.73 18.12
C GLU D 59 10.04 -7.02 17.25
N SER D 60 9.85 -6.83 15.95
CA SER D 60 10.94 -6.70 14.98
C SER D 60 12.16 -7.49 15.35
N GLY D 61 13.09 -6.81 16.00
CA GLY D 61 14.33 -7.40 16.48
C GLY D 61 14.69 -6.68 17.76
N VAL D 62 14.10 -7.13 18.85
CA VAL D 62 14.37 -6.51 20.12
C VAL D 62 15.08 -7.50 21.06
N PRO D 63 16.18 -7.04 21.67
CA PRO D 63 17.02 -7.83 22.57
C PRO D 63 16.24 -8.51 23.68
N ASP D 64 16.60 -9.76 23.98
CA ASP D 64 15.94 -10.62 24.97
C ASP D 64 15.78 -10.06 26.40
N ARG D 65 16.69 -9.19 26.82
CA ARG D 65 16.60 -8.58 28.16
C ARG D 65 15.20 -8.01 28.48
N PHE D 66 14.48 -7.63 27.42
CA PHE D 66 13.18 -6.97 27.54
C PHE D 66 11.98 -7.90 27.75
N SER D 67 11.16 -7.58 28.76
CA SER D 67 10.10 -8.50 29.19
C SER D 67 8.85 -7.77 29.68
N GLY D 68 7.72 -8.03 29.04
CA GLY D 68 6.45 -7.39 29.40
C GLY D 68 5.48 -8.29 30.15
N SER D 69 4.74 -7.71 31.09
CA SER D 69 3.88 -8.47 31.95
C SER D 69 2.56 -7.73 32.20
N GLY D 70 1.62 -8.39 32.87
CA GLY D 70 0.39 -7.74 33.31
C GLY D 70 -0.88 -8.13 32.60
N SER D 71 -2.02 -7.81 33.21
CA SER D 71 -3.33 -7.96 32.59
C SER D 71 -4.30 -6.94 33.20
N GLY D 72 -5.51 -6.87 32.65
CA GLY D 72 -6.54 -6.04 33.22
C GLY D 72 -6.16 -4.58 33.38
N THR D 73 -5.70 -4.20 34.57
CA THR D 73 -5.43 -2.78 34.88
C THR D 73 -4.01 -2.44 35.25
N ASP D 74 -3.17 -3.43 35.54
CA ASP D 74 -1.79 -3.14 35.91
C ASP D 74 -0.77 -3.95 35.10
N PHE D 75 0.23 -3.28 34.56
CA PHE D 75 1.23 -3.93 33.71
C PHE D 75 2.64 -3.57 34.18
N THR D 76 3.66 -4.04 33.45
CA THR D 76 5.04 -3.82 33.87
C THR D 76 6.09 -4.18 32.83
N LEU D 77 6.78 -3.18 32.27
CA LEU D 77 7.96 -3.44 31.47
C LEU D 77 9.08 -3.87 32.41
N THR D 78 9.94 -4.76 31.95
CA THR D 78 11.05 -5.25 32.76
C THR D 78 12.30 -5.34 31.90
N ILE D 79 13.24 -4.42 32.13
CA ILE D 79 14.57 -4.53 31.56
C ILE D 79 15.36 -5.47 32.49
N SER D 80 16.49 -6.01 32.05
CA SER D 80 17.16 -7.02 32.87
C SER D 80 18.68 -7.02 32.78
N SER D 81 19.22 -7.53 31.68
CA SER D 81 20.65 -7.44 31.42
C SER D 81 20.94 -5.98 31.05
N LEU D 82 20.65 -5.09 32.00
CA LEU D 82 20.70 -3.65 31.77
C LEU D 82 21.99 -3.18 31.10
N GLN D 83 22.01 -3.23 29.77
CA GLN D 83 23.08 -2.59 29.03
C GLN D 83 22.81 -1.09 29.05
N ALA D 84 23.73 -0.29 28.50
CA ALA D 84 23.62 1.16 28.60
C ALA D 84 23.31 1.85 27.27
N GLU D 85 23.44 1.12 26.17
CA GLU D 85 22.96 1.61 24.88
C GLU D 85 21.43 1.66 24.95
N ASP D 86 20.90 1.35 26.13
CA ASP D 86 19.47 1.27 26.35
C ASP D 86 18.96 2.17 27.47
N VAL D 87 19.52 3.36 27.58
CA VAL D 87 18.97 4.39 28.46
C VAL D 87 18.07 5.32 27.64
N ALA D 88 16.80 5.42 28.05
CA ALA D 88 15.84 6.20 27.31
C ALA D 88 14.51 6.25 28.06
N VAL D 89 13.51 6.92 27.49
CA VAL D 89 12.22 7.06 28.18
C VAL D 89 11.23 5.99 27.72
N TYR D 90 10.46 5.48 28.67
CA TYR D 90 9.57 4.36 28.38
C TYR D 90 8.08 4.71 28.46
N TYR D 91 7.38 4.51 27.36
CA TYR D 91 5.99 4.89 27.32
C TYR D 91 5.14 3.64 27.25
N CYS D 92 4.20 3.52 28.18
CA CYS D 92 3.11 2.59 27.99
C CYS D 92 1.94 3.28 27.30
N GLN D 93 1.28 2.55 26.42
CA GLN D 93 0.21 3.09 25.61
C GLN D 93 -0.92 2.10 25.56
N GLN D 94 -2.16 2.55 25.82
CA GLN D 94 -3.33 1.69 25.64
C GLN D 94 -3.99 2.02 24.31
N HIS D 95 -4.50 1.00 23.62
CA HIS D 95 -5.19 1.25 22.36
C HIS D 95 -6.48 0.50 22.29
N TYR D 96 -7.07 0.19 23.44
CA TYR D 96 -8.31 -0.57 23.56
C TYR D 96 -9.50 0.35 23.27
N ARG D 97 -9.30 1.63 23.56
CA ARG D 97 -10.28 2.63 23.17
C ARG D 97 -9.60 3.76 22.44
N THR D 98 -10.38 4.43 21.59
CA THR D 98 -9.97 5.69 21.05
C THR D 98 -10.66 6.71 21.93
N PRO D 99 -9.92 7.77 22.34
CA PRO D 99 -8.53 8.03 21.95
C PRO D 99 -7.56 7.10 22.64
N PRO D 100 -6.58 6.56 21.89
CA PRO D 100 -5.53 5.80 22.57
C PRO D 100 -4.69 6.78 23.37
N THR D 101 -4.37 6.46 24.61
CA THR D 101 -3.60 7.37 25.45
C THR D 101 -2.22 6.80 25.73
N PHE D 102 -1.34 7.59 26.36
CA PHE D 102 0.02 7.16 26.68
C PHE D 102 0.28 7.29 28.16
N GLY D 103 1.46 6.87 28.58
CA GLY D 103 1.93 7.14 29.92
C GLY D 103 2.69 8.43 29.82
N GLN D 104 3.01 9.04 30.96
CA GLN D 104 3.76 10.29 30.95
C GLN D 104 5.22 10.00 30.66
N GLY D 105 5.60 8.74 30.86
CA GLY D 105 6.93 8.27 30.52
C GLY D 105 7.84 8.06 31.71
N THR D 106 8.84 7.21 31.52
CA THR D 106 9.85 6.93 32.55
C THR D 106 11.26 7.10 31.98
N LYS D 107 12.06 7.96 32.62
CA LYS D 107 13.42 8.23 32.15
C LYS D 107 14.35 7.26 32.84
N VAL D 108 15.48 6.97 32.20
CA VAL D 108 16.31 5.86 32.66
C VAL D 108 17.78 6.24 32.88
N GLU D 109 18.11 6.58 34.11
CA GLU D 109 19.46 7.03 34.46
C GLU D 109 20.34 5.90 34.99
N ILE D 110 21.49 5.72 34.35
CA ILE D 110 22.46 4.68 34.75
C ILE D 110 23.13 5.00 36.09
N LYS D 111 22.51 4.56 37.18
CA LYS D 111 23.01 4.83 38.54
C LYS D 111 24.50 4.51 38.75
N ARG D 112 25.28 5.55 39.05
CA ARG D 112 26.66 5.38 39.47
C ARG D 112 26.81 5.93 40.89
N THR D 113 28.04 6.14 41.33
CA THR D 113 28.30 6.74 42.64
C THR D 113 28.41 8.24 42.50
N VAL D 114 27.95 8.95 43.51
CA VAL D 114 27.99 10.42 43.52
C VAL D 114 29.37 10.94 43.12
N ALA D 115 29.41 12.08 42.43
CA ALA D 115 30.68 12.65 41.98
C ALA D 115 30.58 14.17 41.80
N ALA D 116 30.69 14.91 42.90
CA ALA D 116 30.49 16.36 42.94
C ALA D 116 31.09 17.12 41.74
N PRO D 117 30.34 18.12 41.23
CA PRO D 117 30.59 18.90 40.02
C PRO D 117 31.85 19.76 40.01
N SER D 118 32.01 20.53 38.94
CA SER D 118 33.24 21.31 38.72
C SER D 118 32.93 22.72 38.16
N VAL D 119 33.21 23.75 38.94
CA VAL D 119 32.93 25.13 38.53
C VAL D 119 34.17 25.79 37.90
N LEU D 139 28.37 27.01 35.49
CA LEU D 139 28.81 25.71 35.00
C LEU D 139 29.11 24.77 36.18
N LEU D 140 28.61 23.54 36.09
CA LEU D 140 28.82 22.51 37.12
C LEU D 140 29.15 21.17 36.47
N ASN D 141 30.40 21.00 36.06
CA ASN D 141 30.79 19.83 35.27
C ASN D 141 30.79 18.46 35.98
N ASN D 142 29.70 17.70 35.80
CA ASN D 142 29.67 16.27 36.08
C ASN D 142 29.31 15.82 37.49
N PHE D 143 28.12 16.15 37.97
CA PHE D 143 27.68 15.62 39.27
C PHE D 143 26.86 14.32 39.17
N TYR D 144 26.31 13.88 40.29
CA TYR D 144 25.43 12.74 40.34
C TYR D 144 24.99 12.53 41.79
N PRO D 145 23.68 12.58 42.06
CA PRO D 145 22.56 12.76 41.10
C PRO D 145 22.19 14.23 40.84
N GLN D 159 17.97 36.62 45.33
CA GLN D 159 17.88 35.64 44.26
C GLN D 159 16.49 34.99 44.18
N SER D 160 15.57 35.68 43.51
CA SER D 160 14.19 35.19 43.35
C SER D 160 13.62 35.48 41.96
N GLY D 161 13.85 34.56 41.03
CA GLY D 161 13.29 34.69 39.69
C GLY D 161 14.20 35.42 38.73
N ASN D 162 15.50 35.43 39.03
CA ASN D 162 16.48 36.07 38.16
C ASN D 162 17.19 35.06 37.27
N SER D 163 17.29 33.83 37.75
CA SER D 163 18.07 32.80 37.07
C SER D 163 17.23 31.75 36.34
N GLN D 164 17.92 30.90 35.59
CA GLN D 164 17.32 29.86 34.75
C GLN D 164 18.36 28.79 34.39
N GLU D 165 18.06 27.53 34.72
CA GLU D 165 19.02 26.44 34.63
C GLU D 165 18.90 25.59 33.35
N SER D 166 20.03 25.09 32.86
CA SER D 166 20.08 24.25 31.66
C SER D 166 21.05 23.08 31.81
N VAL D 167 20.55 21.97 32.35
CA VAL D 167 21.34 20.75 32.58
C VAL D 167 21.71 20.05 31.27
N THR D 168 21.78 18.72 31.29
CA THR D 168 22.03 17.92 30.09
C THR D 168 21.57 16.49 30.32
N GLU D 169 21.87 15.65 29.33
CA GLU D 169 21.70 14.21 29.49
C GLU D 169 23.08 13.58 29.71
N GLN D 170 23.11 12.39 30.30
CA GLN D 170 24.36 11.68 30.60
C GLN D 170 25.13 11.31 29.34
N ASP D 171 26.40 11.68 29.29
CA ASP D 171 27.24 11.37 28.14
C ASP D 171 27.46 9.86 28.03
N SER D 172 27.68 9.38 26.80
CA SER D 172 27.79 7.95 26.54
C SER D 172 29.03 7.30 27.15
N LYS D 173 29.49 7.87 28.28
CA LYS D 173 30.61 7.31 29.03
C LYS D 173 30.71 7.83 30.46
N ASP D 174 30.46 9.12 30.67
CA ASP D 174 30.63 9.73 32.00
C ASP D 174 29.67 9.21 33.07
N SER D 175 28.37 9.23 32.77
CA SER D 175 27.30 8.92 33.72
C SER D 175 27.06 10.08 34.70
N THR D 176 27.38 11.29 34.26
CA THR D 176 27.21 12.50 35.07
C THR D 176 26.67 13.64 34.22
N TYR D 177 26.51 14.82 34.85
CA TYR D 177 25.82 15.94 34.22
C TYR D 177 26.57 17.27 34.23
N SER D 178 26.80 17.82 33.04
CA SER D 178 27.31 19.18 32.88
C SER D 178 26.15 20.18 32.87
N LEU D 179 25.67 20.58 34.05
CA LEU D 179 24.53 21.50 34.17
C LEU D 179 24.87 22.96 33.86
N SER D 180 23.88 23.84 34.01
CA SER D 180 24.08 25.27 33.83
C SER D 180 23.05 26.04 34.67
N SER D 181 23.32 27.31 34.97
CA SER D 181 22.35 28.16 35.69
C SER D 181 22.64 29.65 35.58
N THR D 182 21.92 30.35 34.70
CA THR D 182 22.04 31.82 34.63
C THR D 182 21.18 32.46 35.70
#